data_7ZI0
#
_entry.id   7ZI0
#
_cell.length_a   122.860
_cell.length_b   63.150
_cell.length_c   208.060
_cell.angle_alpha   90.000
_cell.angle_beta   96.290
_cell.angle_gamma   90.000
#
_symmetry.space_group_name_H-M   'C 1 2 1'
#
loop_
_entity.id
_entity.type
_entity.pdbx_description
1 polymer 'Smoothened homolog,Soluble cytochrome b562'
2 non-polymer 3-chloro-N-[trans-4-(methylamino)cyclohexyl]-N-{[3-(pyridin-4-yl)phenyl]methyl}-1-benzothiophene-2-carboxamide
3 non-polymer CHOLESTEROL
4 non-polymer 2-acetamido-2-deoxy-beta-D-glucopyranose
5 non-polymer 'SODIUM ION'
6 non-polymer '[(Z)-octadec-9-enyl] (2R)-2,3-bis(oxidanyl)propanoate'
#
_entity_poly.entity_id   1
_entity_poly.type   'polypeptide(L)'
_entity_poly.pdbx_seq_one_letter_code
;SSGNATGPGPRSAGGSARRSAAVTGPPPPLSHCGRAAPCEPLRYNVCLGSVLPYGATSTLLAGDSDSQEEAHGKLVLWSG
LRNAPRCWAVIQPLLCAVYMPKCENDRVELPSRTLCQATRGPCAIVERERGWPDFLRCTPDRFPEGCTNEVQNIKFNSSG
QCEVPLVRTDNPKSWYEDVEGCGIQCQNPLFTEAEHQDMHSYIAAFGAVTGLCTLFTLATFVADWRNSNRYPAVILFYVN
ACFFVGSIGWLAQFMDGARREIVCRADGTMRLGEPTSNETLSCVIIFVIVYYALMAGFVWFVVLTYAWHTSFKALGTTYQ
PLSGKTSYFHLLTWSLPFVLTVAILAVAQVDGDSVSGICFVGYKNYRYRAGFVLAPIGLVLIVGGYFLIRGVMTLFSARR
QLADLEDNWETLNDNLKVIEKADNAAQVKDALTKMRAAALDAQKATPPKLEDKSPDSPEMKDFRHGFDILVGQIDDALKL
ANEGKVKEAQAAAEQLKTTRNAYIQKYLERARSTLSKINETMLRLGIFGFLAFGFVLITFSCHFYDFFNQAEWERSFRDY
VLCQANVTIGLPTKQPIPDCEIKNRPSLLVEKINLFAMFGTGIAMSTWVWTKATLLIWRRTWCRLTGQGTETSQVAPA
;
_entity_poly.pdbx_strand_id   A,B
#
loop_
_chem_comp.id
_chem_comp.type
_chem_comp.name
_chem_comp.formula
CLR non-polymer CHOLESTEROL 'C27 H46 O'
MPG non-polymer '[(Z)-octadec-9-enyl] (2R)-2,3-bis(oxidanyl)propanoate' 'C21 H40 O4'
NA non-polymer 'SODIUM ION' 'Na 1'
NAG D-saccharide, beta linking 2-acetamido-2-deoxy-beta-D-glucopyranose 'C8 H15 N O6'
V0S non-polymer 3-chloro-N-[trans-4-(methylamino)cyclohexyl]-N-{[3-(pyridin-4-yl)phenyl]methyl}-1-benzothiophene-2-carboxamide 'C28 H28 Cl N3 O S'
#
# COMPACT_ATOMS: atom_id res chain seq x y z
N PRO A 27 6.42 -53.88 62.47
CA PRO A 27 7.08 -54.68 63.52
C PRO A 27 8.42 -54.02 63.97
N PRO A 28 9.22 -54.68 64.84
CA PRO A 28 10.62 -54.18 65.00
C PRO A 28 11.40 -54.17 63.66
N PRO A 29 12.42 -53.32 63.54
CA PRO A 29 12.76 -52.80 62.21
C PRO A 29 13.24 -53.84 61.17
N LEU A 30 12.53 -53.91 60.05
CA LEU A 30 12.81 -54.90 58.99
C LEU A 30 14.24 -54.77 58.46
N SER A 31 14.89 -55.91 58.31
CA SER A 31 16.27 -55.99 57.87
C SER A 31 16.54 -55.39 56.49
N HIS A 32 15.58 -55.53 55.58
CA HIS A 32 15.69 -55.01 54.20
C HIS A 32 15.46 -53.51 54.08
N CYS A 33 14.77 -52.94 55.08
CA CYS A 33 14.55 -51.50 55.19
C CYS A 33 15.69 -50.71 55.83
N GLY A 34 16.93 -51.14 55.62
CA GLY A 34 18.08 -50.46 56.22
C GLY A 34 19.36 -51.09 55.75
N ARG A 35 20.47 -50.40 55.99
CA ARG A 35 21.74 -50.83 55.42
C ARG A 35 22.87 -50.57 56.37
N ALA A 36 23.88 -51.43 56.27
CA ALA A 36 25.00 -51.45 57.19
C ALA A 36 25.97 -50.34 56.80
N ALA A 37 26.01 -49.31 57.62
CA ALA A 37 26.89 -48.17 57.40
C ALA A 37 27.34 -47.57 58.71
N PRO A 38 28.61 -47.12 58.80
CA PRO A 38 29.11 -46.53 60.05
C PRO A 38 28.43 -45.21 60.33
N CYS A 39 27.98 -44.99 61.56
CA CYS A 39 27.28 -43.73 61.89
C CYS A 39 28.23 -42.64 62.28
N GLU A 40 27.94 -41.43 61.87
CA GLU A 40 28.64 -40.26 62.34
C GLU A 40 27.60 -39.32 62.97
N PRO A 41 27.96 -38.64 64.08
CA PRO A 41 27.02 -37.67 64.64
C PRO A 41 26.67 -36.51 63.68
N LEU A 42 25.50 -35.94 63.84
CA LEU A 42 25.07 -34.89 62.96
C LEU A 42 25.81 -33.60 63.18
N ARG A 43 26.17 -32.92 62.10
CA ARG A 43 26.75 -31.59 62.13
C ARG A 43 25.80 -30.44 61.97
N TYR A 44 24.55 -30.74 61.59
CA TYR A 44 23.44 -29.76 61.53
C TYR A 44 22.25 -30.32 62.24
N ASN A 45 21.61 -29.52 63.08
CA ASN A 45 20.45 -29.98 63.85
C ASN A 45 19.18 -30.02 63.02
N VAL A 46 19.23 -29.43 61.82
CA VAL A 46 18.11 -29.09 60.98
C VAL A 46 18.35 -29.59 59.53
N CYS A 47 17.30 -30.15 58.94
CA CYS A 47 17.28 -30.57 57.54
C CYS A 47 16.19 -29.81 56.78
N LEU A 48 16.64 -28.94 55.87
CA LEU A 48 15.78 -28.04 55.07
C LEU A 48 14.69 -27.35 55.90
N GLY A 49 15.13 -26.70 56.96
CA GLY A 49 14.23 -25.92 57.78
C GLY A 49 13.72 -26.63 59.00
N SER A 50 13.67 -27.96 58.96
CA SER A 50 13.04 -28.73 60.05
C SER A 50 14.06 -29.45 60.93
N VAL A 51 13.94 -29.27 62.24
CA VAL A 51 14.80 -29.94 63.21
C VAL A 51 14.53 -31.45 63.24
N LEU A 52 15.59 -32.24 63.37
CA LEU A 52 15.54 -33.70 63.22
C LEU A 52 15.35 -34.46 64.53
N PRO A 53 14.56 -35.54 64.50
CA PRO A 53 14.34 -36.33 65.70
C PRO A 53 15.48 -37.27 66.11
N TYR A 54 16.57 -37.33 65.36
CA TYR A 54 17.70 -38.21 65.66
C TYR A 54 18.93 -37.34 65.83
N GLY A 55 20.09 -37.98 66.14
CA GLY A 55 21.39 -37.32 66.25
C GLY A 55 22.54 -37.87 65.39
N ALA A 56 22.35 -38.96 64.63
CA ALA A 56 23.44 -39.52 63.80
C ALA A 56 22.99 -39.81 62.38
N THR A 57 23.92 -39.67 61.42
CA THR A 57 23.61 -39.73 59.97
C THR A 57 24.65 -40.52 59.17
N SER A 58 24.48 -40.61 57.87
CA SER A 58 25.41 -41.31 56.98
C SER A 58 25.29 -40.75 55.54
N THR A 59 26.45 -40.57 54.90
CA THR A 59 26.48 -40.07 53.54
C THR A 59 26.67 -41.24 52.54
N LEU A 60 26.02 -42.37 52.86
CA LEU A 60 26.02 -43.57 52.02
C LEU A 60 24.91 -43.44 51.00
N LEU A 61 23.76 -42.96 51.44
CA LEU A 61 22.59 -42.93 50.59
C LEU A 61 22.69 -41.90 49.46
N ALA A 62 23.44 -40.82 49.73
CA ALA A 62 23.73 -39.76 48.75
C ALA A 62 25.03 -40.11 48.04
N GLY A 63 24.94 -40.48 46.75
CA GLY A 63 26.11 -40.86 45.94
C GLY A 63 27.05 -39.70 45.68
N ASP A 64 26.43 -38.56 45.38
CA ASP A 64 27.09 -37.28 45.16
C ASP A 64 27.85 -36.68 46.36
N SER A 65 27.54 -37.17 47.55
CA SER A 65 28.11 -36.67 48.79
C SER A 65 28.94 -37.70 49.51
N ASP A 66 30.12 -37.27 49.96
CA ASP A 66 31.05 -38.06 50.82
C ASP A 66 31.22 -37.46 52.22
N SER A 67 31.14 -36.16 52.32
CA SER A 67 31.09 -35.45 53.58
C SER A 67 29.66 -34.97 53.93
N GLN A 68 29.39 -34.81 55.21
CA GLN A 68 28.14 -34.13 55.62
C GLN A 68 28.05 -32.71 55.10
N GLU A 69 29.17 -32.01 55.02
CA GLU A 69 29.23 -30.63 54.53
C GLU A 69 28.92 -30.56 53.04
N GLU A 70 29.44 -31.54 52.31
CA GLU A 70 29.15 -31.69 50.87
C GLU A 70 27.67 -31.93 50.67
N ALA A 71 27.13 -32.84 51.48
CA ALA A 71 25.68 -33.14 51.44
C ALA A 71 24.84 -31.89 51.64
N HIS A 72 25.23 -31.10 52.61
CA HIS A 72 24.50 -29.91 52.94
C HIS A 72 24.53 -28.93 51.78
N GLY A 73 25.67 -28.86 51.12
CA GLY A 73 25.78 -27.99 49.95
C GLY A 73 24.93 -28.45 48.81
N LYS A 74 24.90 -29.78 48.60
CA LYS A 74 23.99 -30.36 47.62
C LYS A 74 22.53 -29.97 47.96
N LEU A 75 22.21 -30.07 49.26
CA LEU A 75 20.85 -29.66 49.71
C LEU A 75 20.52 -28.23 49.36
N VAL A 76 21.53 -27.39 49.40
CA VAL A 76 21.35 -26.00 49.06
C VAL A 76 21.10 -25.88 47.56
N LEU A 77 21.63 -26.80 46.76
CA LEU A 77 21.32 -26.81 45.30
C LEU A 77 19.93 -27.34 45.04
N TRP A 78 19.54 -28.39 45.74
CA TRP A 78 18.18 -28.89 45.53
C TRP A 78 17.16 -27.83 45.89
N SER A 79 17.44 -27.07 46.93
CA SER A 79 16.51 -26.12 47.43
C SER A 79 16.22 -24.99 46.43
N GLY A 80 16.85 -24.96 45.29
CA GLY A 80 16.35 -24.15 44.18
C GLY A 80 14.98 -24.58 43.59
N LEU A 81 14.53 -25.80 43.97
CA LEU A 81 13.20 -26.27 43.69
C LEU A 81 12.19 -25.74 44.62
N ARG A 82 12.52 -24.81 45.50
CA ARG A 82 11.52 -24.11 46.28
C ARG A 82 10.49 -23.52 45.36
N ASN A 83 10.93 -23.04 44.16
CA ASN A 83 10.05 -22.55 43.07
C ASN A 83 9.63 -23.79 42.37
N ALA A 84 8.35 -23.96 42.15
CA ALA A 84 7.75 -25.31 41.94
C ALA A 84 7.25 -25.92 43.23
N PRO A 85 6.24 -25.28 43.82
CA PRO A 85 5.79 -25.73 45.12
C PRO A 85 5.27 -27.15 45.16
N ARG A 86 4.54 -27.53 44.13
CA ARG A 86 3.91 -28.85 44.06
C ARG A 86 4.97 -29.94 44.09
N CYS A 87 6.09 -29.64 43.49
CA CYS A 87 7.21 -30.51 43.60
C CYS A 87 7.95 -30.38 44.94
N TRP A 88 8.17 -29.14 45.37
CA TRP A 88 8.90 -28.89 46.62
C TRP A 88 8.29 -29.64 47.76
N ALA A 89 6.94 -29.65 47.80
CA ALA A 89 6.21 -30.22 48.92
C ALA A 89 6.47 -31.67 49.05
N VAL A 90 6.61 -32.39 47.96
CA VAL A 90 7.04 -33.81 48.08
C VAL A 90 8.54 -34.03 48.06
N ILE A 91 9.34 -33.17 47.46
CA ILE A 91 10.80 -33.49 47.42
C ILE A 91 11.55 -33.34 48.78
N GLN A 92 11.15 -32.33 49.57
CA GLN A 92 11.76 -32.04 50.93
C GLN A 92 11.95 -33.31 51.82
N PRO A 93 10.86 -34.06 52.08
CA PRO A 93 10.99 -35.30 52.77
C PRO A 93 11.91 -36.34 52.10
N LEU A 94 11.89 -36.43 50.76
CA LEU A 94 12.74 -37.40 50.08
C LEU A 94 14.18 -37.02 50.24
N LEU A 95 14.50 -35.76 50.04
CA LEU A 95 15.90 -35.29 50.14
C LEU A 95 16.49 -35.49 51.53
N CYS A 96 15.78 -35.17 52.63
CA CYS A 96 16.30 -35.49 53.97
C CYS A 96 16.55 -36.93 54.12
N ALA A 97 15.57 -37.73 53.77
CA ALA A 97 15.69 -39.17 53.92
C ALA A 97 16.88 -39.77 53.20
N VAL A 98 17.41 -39.05 52.21
CA VAL A 98 18.61 -39.45 51.47
C VAL A 98 19.94 -38.78 51.91
N TYR A 99 19.93 -37.47 52.06
CA TYR A 99 21.14 -36.72 52.41
C TYR A 99 21.39 -36.67 53.91
N MET A 100 20.33 -36.59 54.70
CA MET A 100 20.48 -36.60 56.16
C MET A 100 19.74 -37.75 56.87
N PRO A 101 19.96 -39.02 56.46
CA PRO A 101 19.15 -40.11 56.97
C PRO A 101 19.59 -40.49 58.33
N LYS A 102 18.73 -41.18 59.05
CA LYS A 102 19.00 -41.60 60.42
C LYS A 102 19.86 -42.80 60.38
N CYS A 103 20.96 -42.71 61.11
CA CYS A 103 21.85 -43.86 61.31
C CYS A 103 21.87 -44.17 62.82
N GLU A 104 21.52 -45.41 63.18
CA GLU A 104 21.57 -45.82 64.61
C GLU A 104 22.21 -47.19 64.72
N ASN A 105 23.30 -47.23 65.53
CA ASN A 105 24.13 -48.43 65.78
C ASN A 105 24.54 -49.11 64.49
N ASP A 106 25.35 -48.38 63.74
CA ASP A 106 25.89 -48.80 62.46
C ASP A 106 24.86 -49.37 61.46
N ARG A 107 23.62 -48.88 61.55
CA ARG A 107 22.61 -49.14 60.53
C ARG A 107 21.85 -47.86 60.14
N VAL A 108 21.87 -47.54 58.82
CA VAL A 108 21.24 -46.34 58.30
C VAL A 108 19.87 -46.73 57.75
N GLU A 109 18.87 -45.88 57.99
CA GLU A 109 17.51 -46.18 57.59
C GLU A 109 17.28 -45.76 56.10
N LEU A 110 16.84 -46.72 55.28
CA LEU A 110 16.58 -46.51 53.86
C LEU A 110 15.20 -45.91 53.64
N PRO A 111 15.09 -45.04 52.62
CA PRO A 111 13.78 -44.41 52.41
C PRO A 111 12.88 -45.33 51.62
N SER A 112 11.59 -45.35 51.92
CA SER A 112 10.59 -46.21 51.24
C SER A 112 10.35 -45.82 49.81
N ARG A 113 9.93 -46.80 49.01
CA ARG A 113 9.55 -46.55 47.64
C ARG A 113 8.44 -45.45 47.44
N THR A 114 7.38 -45.56 48.23
CA THR A 114 6.26 -44.63 48.17
C THR A 114 6.66 -43.19 48.40
N LEU A 115 7.74 -42.96 49.16
CA LEU A 115 8.31 -41.60 49.33
C LEU A 115 9.01 -41.08 48.08
N CYS A 116 9.62 -42.01 47.33
CA CYS A 116 10.39 -41.63 46.16
C CYS A 116 9.47 -41.43 44.98
N GLN A 117 8.55 -42.39 44.79
CA GLN A 117 7.57 -42.34 43.70
C GLN A 117 6.67 -41.09 43.75
N ALA A 118 6.27 -40.69 44.94
CA ALA A 118 5.51 -39.47 45.12
C ALA A 118 6.07 -38.22 44.47
N THR A 119 7.39 -38.16 44.26
CA THR A 119 8.07 -37.01 43.60
C THR A 119 8.18 -37.07 42.08
N ARG A 120 8.11 -38.29 41.53
CA ARG A 120 8.32 -38.51 40.08
C ARG A 120 7.41 -37.62 39.25
N GLY A 121 6.14 -37.53 39.71
CA GLY A 121 5.11 -36.77 39.04
C GLY A 121 5.40 -35.30 39.06
N PRO A 122 5.19 -34.66 40.20
CA PRO A 122 5.35 -33.20 40.24
C PRO A 122 6.78 -32.68 40.06
N CYS A 123 7.80 -33.45 40.43
CA CYS A 123 9.18 -33.00 40.20
C CYS A 123 9.72 -33.44 38.85
N ALA A 124 8.85 -33.42 37.81
CA ALA A 124 9.22 -33.87 36.47
C ALA A 124 10.21 -32.94 35.81
N ILE A 125 10.25 -31.69 36.23
CA ILE A 125 11.24 -30.74 35.74
C ILE A 125 12.71 -31.19 35.98
N VAL A 126 12.91 -32.02 36.99
CA VAL A 126 14.24 -32.57 37.28
C VAL A 126 14.66 -33.51 36.18
N GLU A 127 13.76 -34.40 35.76
CA GLU A 127 14.12 -35.37 34.72
C GLU A 127 14.28 -34.74 33.35
N ARG A 128 13.70 -33.55 33.18
CA ARG A 128 13.89 -32.71 31.99
C ARG A 128 15.17 -31.89 32.01
N GLU A 129 15.49 -31.25 33.12
CA GLU A 129 16.60 -30.29 33.10
C GLU A 129 18.00 -30.91 33.30
N ARG A 130 18.15 -31.86 34.19
CA ARG A 130 19.41 -32.59 34.35
C ARG A 130 19.27 -34.08 34.50
N GLY A 131 18.04 -34.60 34.54
CA GLY A 131 17.82 -36.01 34.92
C GLY A 131 17.97 -36.33 36.42
N TRP A 132 17.27 -37.36 36.87
CA TRP A 132 17.38 -37.79 38.26
C TRP A 132 18.68 -38.55 38.42
N PRO A 133 19.44 -38.24 39.47
CA PRO A 133 20.61 -39.05 39.69
C PRO A 133 20.23 -40.50 40.01
N ASP A 134 21.11 -41.42 39.61
CA ASP A 134 20.99 -42.88 39.85
C ASP A 134 20.35 -43.23 41.18
N PHE A 135 20.82 -42.55 42.23
CA PHE A 135 20.46 -42.81 43.63
C PHE A 135 19.15 -42.19 44.07
N LEU A 136 18.57 -41.37 43.22
CA LEU A 136 17.27 -40.80 43.45
C LEU A 136 16.23 -41.39 42.49
N ARG A 137 16.60 -42.38 41.69
CA ARG A 137 15.61 -43.09 40.88
C ARG A 137 15.01 -44.15 41.74
N CYS A 138 13.71 -44.39 41.63
CA CYS A 138 13.04 -45.35 42.56
C CYS A 138 13.24 -46.83 42.29
N THR A 139 14.51 -47.22 42.21
CA THR A 139 14.98 -48.56 42.15
C THR A 139 14.53 -49.30 43.42
N PRO A 140 14.07 -50.55 43.27
CA PRO A 140 13.61 -51.29 44.44
C PRO A 140 14.72 -51.49 45.47
N ASP A 141 15.93 -51.76 45.01
CA ASP A 141 17.03 -51.92 45.94
C ASP A 141 17.33 -50.69 46.80
N ARG A 142 17.30 -49.52 46.17
CA ARG A 142 17.57 -48.21 46.85
C ARG A 142 16.44 -47.64 47.71
N PHE A 143 15.22 -47.91 47.23
CA PHE A 143 14.02 -47.46 47.90
C PHE A 143 13.10 -48.67 48.12
N PRO A 144 13.28 -49.41 49.21
CA PRO A 144 12.55 -50.63 49.42
C PRO A 144 11.11 -50.39 49.72
N GLU A 145 10.32 -51.43 49.53
CA GLU A 145 8.90 -51.32 49.79
C GLU A 145 8.55 -51.38 51.29
N GLY A 146 7.64 -50.49 51.68
CA GLY A 146 7.03 -50.40 53.02
C GLY A 146 7.95 -50.17 54.20
N CYS A 147 8.78 -49.14 54.05
CA CYS A 147 9.68 -48.71 55.08
C CYS A 147 9.05 -47.61 55.88
N THR A 148 9.26 -47.65 57.17
CA THR A 148 8.79 -46.57 57.99
C THR A 148 9.91 -45.56 57.79
N ASN A 149 9.63 -44.49 57.06
CA ASN A 149 10.73 -43.62 56.58
C ASN A 149 11.47 -42.75 57.65
N GLU A 150 10.69 -42.29 58.63
CA GLU A 150 11.13 -41.41 59.75
C GLU A 150 11.06 -39.92 59.41
N VAL A 151 10.91 -39.61 58.13
CA VAL A 151 10.63 -38.24 57.68
C VAL A 151 9.15 -38.00 57.75
N GLN A 152 8.36 -39.06 57.88
CA GLN A 152 6.95 -38.90 58.05
C GLN A 152 6.64 -38.26 59.39
N ASN A 153 7.47 -38.51 60.36
CA ASN A 153 7.39 -37.83 61.63
C ASN A 153 7.87 -36.40 61.57
N ILE A 154 8.58 -36.00 60.53
CA ILE A 154 9.06 -34.62 60.49
C ILE A 154 8.10 -33.82 59.68
N LYS A 155 7.76 -32.69 60.20
CA LYS A 155 6.85 -31.75 59.54
C LYS A 155 7.64 -30.78 58.67
N PHE A 156 7.35 -30.73 57.37
CA PHE A 156 7.95 -29.76 56.46
C PHE A 156 6.94 -28.66 56.15
N ASN A 157 7.09 -27.60 56.93
CA ASN A 157 6.18 -26.45 56.98
C ASN A 157 6.24 -25.67 55.67
N SER A 158 7.36 -25.76 54.94
CA SER A 158 7.56 -24.95 53.74
C SER A 158 6.67 -25.46 52.63
N SER A 159 5.78 -24.57 52.21
CA SER A 159 4.89 -24.83 51.09
C SER A 159 5.49 -24.39 49.74
N GLY A 160 6.39 -23.39 49.73
CA GLY A 160 7.11 -22.97 48.50
C GLY A 160 6.48 -21.79 47.79
N GLN A 161 7.30 -21.04 47.04
CA GLN A 161 6.86 -19.83 46.29
C GLN A 161 7.24 -19.90 44.83
N CYS A 162 6.66 -19.00 44.05
CA CYS A 162 6.87 -18.88 42.62
C CYS A 162 7.72 -17.65 42.30
N GLU A 163 8.77 -17.87 41.54
CA GLU A 163 9.70 -16.82 41.15
C GLU A 163 9.12 -16.04 39.96
N VAL A 164 9.52 -14.79 39.83
CA VAL A 164 9.03 -13.93 38.76
C VAL A 164 9.41 -14.52 37.42
N PRO A 165 8.48 -14.52 36.46
CA PRO A 165 7.21 -13.79 36.49
C PRO A 165 6.03 -14.66 36.88
N LEU A 166 6.28 -15.85 37.42
CA LEU A 166 5.19 -16.70 37.85
C LEU A 166 4.58 -16.17 39.14
N VAL A 167 3.31 -16.49 39.36
CA VAL A 167 2.56 -16.14 40.56
C VAL A 167 1.94 -17.42 41.13
N ARG A 168 1.76 -17.45 42.45
CA ARG A 168 1.37 -18.68 43.17
C ARG A 168 -0.07 -18.97 42.96
N THR A 169 -0.38 -20.19 42.55
CA THR A 169 -1.81 -20.56 42.34
C THR A 169 -1.98 -22.05 42.56
N ASP A 170 -3.11 -22.47 43.12
CA ASP A 170 -3.38 -23.89 43.33
C ASP A 170 -4.31 -24.50 42.26
N ASN A 171 -4.85 -23.68 41.34
CA ASN A 171 -5.69 -24.16 40.25
C ASN A 171 -4.82 -24.77 39.13
N PRO A 172 -5.02 -26.07 38.80
CA PRO A 172 -4.13 -26.73 37.81
C PRO A 172 -4.28 -26.30 36.37
N LYS A 173 -5.37 -25.62 36.08
CA LYS A 173 -5.61 -25.09 34.75
C LYS A 173 -4.74 -23.85 34.49
N SER A 174 -4.18 -23.24 35.54
CA SER A 174 -3.36 -22.03 35.41
C SER A 174 -1.86 -22.32 35.35
N TRP A 175 -1.46 -23.58 35.54
CA TRP A 175 -0.03 -23.91 35.72
C TRP A 175 0.75 -23.83 34.47
N TYR A 176 1.99 -23.36 34.56
CA TYR A 176 2.85 -23.18 33.41
C TYR A 176 3.74 -24.40 33.14
N GLU A 177 3.41 -25.19 32.13
CA GLU A 177 4.09 -26.43 31.78
C GLU A 177 4.54 -27.32 32.97
N ASP A 178 5.79 -27.72 33.00
CA ASP A 178 6.34 -28.61 34.05
C ASP A 178 6.30 -27.97 35.44
N VAL A 179 6.53 -26.66 35.53
CA VAL A 179 6.35 -25.99 36.84
C VAL A 179 4.88 -26.11 37.32
N GLU A 180 4.61 -26.60 38.50
CA GLU A 180 3.24 -26.82 38.94
C GLU A 180 3.11 -26.08 40.21
N GLY A 181 1.99 -25.40 40.37
CA GLY A 181 1.79 -24.46 41.46
C GLY A 181 1.99 -22.99 41.03
N CYS A 182 2.55 -22.77 39.83
CA CYS A 182 2.89 -21.44 39.37
C CYS A 182 2.24 -21.14 38.04
N GLY A 183 1.58 -20.00 37.90
CA GLY A 183 1.07 -19.56 36.59
C GLY A 183 1.65 -18.23 36.18
N ILE A 184 1.54 -17.87 34.90
CA ILE A 184 2.12 -16.61 34.41
C ILE A 184 1.26 -15.47 34.95
N GLN A 185 1.91 -14.41 35.39
CA GLN A 185 1.18 -13.30 35.93
C GLN A 185 0.34 -12.67 34.84
N CYS A 186 -0.84 -12.17 35.24
CA CYS A 186 -1.82 -11.55 34.36
C CYS A 186 -1.25 -10.45 33.48
N GLN A 187 -0.43 -9.59 34.04
CA GLN A 187 0.25 -8.57 33.27
C GLN A 187 1.47 -9.15 32.54
N ASN A 188 1.41 -9.09 31.22
CA ASN A 188 2.38 -9.67 30.31
C ASN A 188 3.82 -9.39 30.74
N PRO A 189 4.54 -10.45 31.19
CA PRO A 189 5.91 -10.29 31.66
C PRO A 189 6.89 -9.88 30.61
N LEU A 190 6.57 -10.13 29.34
CA LEU A 190 7.47 -9.78 28.26
C LEU A 190 7.57 -8.25 27.98
N PHE A 191 6.69 -7.42 28.56
CA PHE A 191 6.66 -5.97 28.29
C PHE A 191 6.48 -5.18 29.56
N THR A 192 7.19 -4.06 29.66
CA THR A 192 7.13 -3.17 30.83
C THR A 192 5.76 -2.45 30.99
N GLU A 193 5.51 -1.84 32.14
CA GLU A 193 4.29 -1.04 32.36
C GLU A 193 4.25 0.18 31.42
N ALA A 194 5.43 0.76 31.17
CA ALA A 194 5.58 1.87 30.22
C ALA A 194 5.10 1.49 28.84
N GLU A 195 5.46 0.27 28.43
CA GLU A 195 5.04 -0.26 27.14
C GLU A 195 3.57 -0.59 27.09
N HIS A 196 3.00 -1.05 28.18
CA HIS A 196 1.57 -1.28 28.27
C HIS A 196 0.75 0.01 28.07
N GLN A 197 1.00 1.04 28.88
CA GLN A 197 0.18 2.27 28.77
C GLN A 197 0.34 2.94 27.40
N ASP A 198 1.50 2.78 26.79
CA ASP A 198 1.78 3.30 25.46
C ASP A 198 0.98 2.57 24.38
N MET A 199 0.96 1.24 24.44
CA MET A 199 0.13 0.45 23.54
C MET A 199 -1.39 0.67 23.81
N HIS A 200 -1.74 0.90 25.07
CA HIS A 200 -3.11 1.24 25.42
C HIS A 200 -3.51 2.64 24.94
N SER A 201 -2.62 3.63 25.02
CA SER A 201 -2.87 4.95 24.43
C SER A 201 -3.12 4.80 22.94
N TYR A 202 -2.26 4.04 22.28
CA TYR A 202 -2.41 3.78 20.86
C TYR A 202 -3.74 3.09 20.57
N ILE A 203 -4.10 2.07 21.33
CA ILE A 203 -5.37 1.36 21.08
C ILE A 203 -6.55 2.25 21.30
N ALA A 204 -6.45 3.11 22.32
CA ALA A 204 -7.55 4.09 22.60
C ALA A 204 -7.81 5.05 21.44
N ALA A 205 -6.73 5.68 20.96
CA ALA A 205 -6.81 6.59 19.78
C ALA A 205 -7.47 5.97 18.55
N PHE A 206 -6.93 4.86 18.07
CA PHE A 206 -7.52 4.18 16.91
C PHE A 206 -8.91 3.59 17.16
N GLY A 207 -9.10 2.88 18.28
CA GLY A 207 -10.45 2.37 18.63
C GLY A 207 -11.57 3.41 18.65
N ALA A 208 -11.29 4.55 19.29
CA ALA A 208 -12.31 5.60 19.44
C ALA A 208 -12.64 6.32 18.12
N VAL A 209 -11.62 6.74 17.41
CA VAL A 209 -11.79 7.37 16.13
C VAL A 209 -12.55 6.43 15.19
N THR A 210 -12.11 5.17 15.10
CA THR A 210 -12.84 4.20 14.28
C THR A 210 -14.28 3.99 14.78
N GLY A 211 -14.46 4.02 16.10
CA GLY A 211 -15.80 3.94 16.67
C GLY A 211 -16.74 5.08 16.30
N LEU A 212 -16.20 6.30 16.29
CA LEU A 212 -16.92 7.47 15.87
C LEU A 212 -17.17 7.51 14.35
N CYS A 213 -16.13 7.22 13.58
CA CYS A 213 -16.26 7.18 12.13
C CYS A 213 -17.28 6.17 11.64
N THR A 214 -17.19 4.93 12.15
CA THR A 214 -18.13 3.88 11.76
C THR A 214 -19.54 4.15 12.21
N LEU A 215 -19.72 4.68 13.41
CA LEU A 215 -21.06 5.03 13.92
C LEU A 215 -21.74 6.12 13.09
N PHE A 216 -20.99 7.19 12.79
CA PHE A 216 -21.43 8.28 11.92
C PHE A 216 -21.87 7.72 10.56
N THR A 217 -21.06 6.84 10.00
CA THR A 217 -21.32 6.23 8.72
C THR A 217 -22.50 5.25 8.79
N LEU A 218 -22.69 4.58 9.92
CA LEU A 218 -23.84 3.69 10.09
C LEU A 218 -25.13 4.47 10.27
N ALA A 219 -25.00 5.62 10.93
CA ALA A 219 -26.10 6.55 11.21
C ALA A 219 -26.68 7.17 9.94
N THR A 220 -25.82 7.50 8.97
CA THR A 220 -26.26 8.01 7.67
C THR A 220 -27.02 6.97 6.88
N PHE A 221 -26.68 5.70 7.02
CA PHE A 221 -27.37 4.62 6.33
C PHE A 221 -28.77 4.42 6.87
N VAL A 222 -28.91 4.42 8.17
CA VAL A 222 -30.25 4.27 8.82
C VAL A 222 -31.14 5.50 8.65
N ALA A 223 -30.53 6.69 8.61
CA ALA A 223 -31.24 7.94 8.36
C ALA A 223 -31.91 7.97 6.96
N ASP A 224 -31.19 7.49 5.96
CA ASP A 224 -31.68 7.38 4.59
C ASP A 224 -31.81 5.88 4.20
N TRP A 225 -32.29 5.04 5.13
CA TRP A 225 -32.47 3.57 4.95
C TRP A 225 -33.20 3.09 3.68
N ARG A 226 -34.24 3.80 3.25
CA ARG A 226 -35.01 3.41 2.04
C ARG A 226 -34.14 3.35 0.79
N ASN A 227 -33.28 4.36 0.64
CA ASN A 227 -32.37 4.45 -0.49
C ASN A 227 -31.02 3.76 -0.20
N SER A 228 -30.60 3.77 1.05
CA SER A 228 -29.31 3.26 1.43
C SER A 228 -29.21 1.74 1.21
N ASN A 229 -30.23 1.01 1.68
CA ASN A 229 -30.23 -0.47 1.67
C ASN A 229 -30.38 -1.02 0.23
N ARG A 230 -29.37 -0.80 -0.60
CA ARG A 230 -29.40 -1.20 -2.00
C ARG A 230 -27.97 -1.47 -2.47
N TYR A 231 -27.73 -2.65 -3.03
CA TYR A 231 -26.38 -3.10 -3.43
C TYR A 231 -25.81 -2.21 -4.54
N PRO A 232 -24.51 -1.93 -4.59
CA PRO A 232 -23.50 -2.38 -3.65
C PRO A 232 -23.25 -1.46 -2.44
N ALA A 233 -23.86 -0.27 -2.38
CA ALA A 233 -23.68 0.66 -1.24
C ALA A 233 -24.01 0.03 0.15
N VAL A 234 -24.96 -0.88 0.21
CA VAL A 234 -25.32 -1.59 1.47
C VAL A 234 -24.23 -2.49 2.00
N ILE A 235 -23.37 -3.03 1.13
CA ILE A 235 -22.23 -3.85 1.55
C ILE A 235 -21.38 -3.06 2.55
N LEU A 236 -21.16 -1.77 2.27
CA LEU A 236 -20.36 -0.94 3.15
C LEU A 236 -21.03 -0.64 4.49
N PHE A 237 -22.35 -0.71 4.52
CA PHE A 237 -23.07 -0.63 5.79
C PHE A 237 -22.74 -1.82 6.72
N TYR A 238 -22.88 -3.03 6.18
CA TYR A 238 -22.48 -4.29 6.87
C TYR A 238 -21.02 -4.34 7.22
N VAL A 239 -20.19 -3.91 6.29
CA VAL A 239 -18.80 -3.71 6.59
C VAL A 239 -18.57 -2.74 7.77
N ASN A 240 -19.18 -1.56 7.76
CA ASN A 240 -18.99 -0.64 8.85
C ASN A 240 -19.56 -1.15 10.16
N ALA A 241 -20.63 -1.94 10.07
CA ALA A 241 -21.24 -2.58 11.26
C ALA A 241 -20.27 -3.51 11.99
N CYS A 242 -19.60 -4.33 11.19
CA CYS A 242 -18.54 -5.19 11.69
C CYS A 242 -17.40 -4.43 12.40
N PHE A 243 -16.89 -3.38 11.77
CA PHE A 243 -15.86 -2.54 12.38
C PHE A 243 -16.40 -1.75 13.58
N PHE A 244 -17.69 -1.46 13.61
CA PHE A 244 -18.27 -0.81 14.80
C PHE A 244 -18.40 -1.76 16.01
N VAL A 245 -18.97 -2.93 15.74
CA VAL A 245 -19.12 -3.96 16.78
C VAL A 245 -17.73 -4.36 17.27
N GLY A 246 -16.79 -4.60 16.33
CA GLY A 246 -15.38 -4.88 16.72
C GLY A 246 -14.72 -3.85 17.64
N SER A 247 -14.93 -2.58 17.34
CA SER A 247 -14.41 -1.47 18.15
C SER A 247 -14.95 -1.41 19.57
N ILE A 248 -16.20 -1.83 19.74
CA ILE A 248 -16.76 -1.90 21.07
C ILE A 248 -15.95 -2.93 21.88
N GLY A 249 -15.83 -4.13 21.31
CA GLY A 249 -15.02 -5.17 21.92
C GLY A 249 -13.63 -4.70 22.28
N TRP A 250 -13.01 -3.91 21.40
CA TRP A 250 -11.65 -3.33 21.66
C TRP A 250 -11.63 -2.21 22.70
N LEU A 251 -12.71 -1.45 22.82
CA LEU A 251 -12.73 -0.31 23.75
C LEU A 251 -13.18 -0.72 25.14
N ALA A 252 -13.85 -1.89 25.23
CA ALA A 252 -14.29 -2.49 26.54
C ALA A 252 -13.31 -2.35 27.69
N GLN A 253 -12.09 -2.84 27.46
CA GLN A 253 -10.98 -2.73 28.42
C GLN A 253 -10.75 -1.38 29.12
N PHE A 254 -11.15 -0.27 28.49
CA PHE A 254 -10.91 1.06 29.05
C PHE A 254 -11.92 1.48 30.09
N MET A 255 -13.01 0.73 30.24
CA MET A 255 -13.92 0.91 31.39
C MET A 255 -13.22 0.49 32.70
N ASP A 256 -13.53 1.22 33.78
CA ASP A 256 -12.83 1.05 35.07
C ASP A 256 -12.90 -0.38 35.58
N GLY A 257 -11.72 -1.02 35.61
CA GLY A 257 -11.55 -2.38 36.10
C GLY A 257 -11.89 -3.46 35.10
N ALA A 258 -12.18 -3.09 33.84
CA ALA A 258 -12.66 -4.10 32.87
C ALA A 258 -11.52 -4.94 32.30
N ARG A 259 -10.41 -4.26 32.01
CA ARG A 259 -9.23 -4.91 31.46
C ARG A 259 -8.79 -6.10 32.32
N ARG A 260 -8.79 -5.91 33.65
CA ARG A 260 -8.48 -6.97 34.59
C ARG A 260 -9.53 -8.07 34.61
N GLU A 261 -10.80 -7.70 34.43
CA GLU A 261 -11.88 -8.71 34.44
C GLU A 261 -11.81 -9.60 33.18
N ILE A 262 -11.38 -9.00 32.06
CA ILE A 262 -11.34 -9.72 30.76
C ILE A 262 -10.09 -10.54 30.63
N VAL A 263 -8.94 -9.97 31.03
CA VAL A 263 -7.64 -10.59 30.82
C VAL A 263 -7.16 -11.51 31.97
N CYS A 264 -7.37 -11.09 33.22
CA CYS A 264 -6.89 -11.86 34.39
C CYS A 264 -7.87 -12.91 34.88
N ARG A 265 -7.32 -13.99 35.46
CA ARG A 265 -8.13 -15.04 36.12
C ARG A 265 -8.43 -14.61 37.53
N ALA A 266 -9.22 -15.39 38.25
CA ALA A 266 -9.52 -15.09 39.64
C ALA A 266 -8.22 -15.11 40.46
N ASP A 267 -7.36 -16.12 40.23
CA ASP A 267 -6.09 -16.23 40.95
C ASP A 267 -5.02 -15.16 40.67
N GLY A 268 -5.09 -14.53 39.50
CA GLY A 268 -4.14 -13.46 39.14
C GLY A 268 -3.16 -13.87 38.07
N THR A 269 -3.40 -15.03 37.47
CA THR A 269 -2.71 -15.46 36.27
C THR A 269 -3.46 -14.97 35.03
N MET A 270 -2.84 -15.13 33.86
CA MET A 270 -3.43 -14.70 32.60
C MET A 270 -4.57 -15.66 32.30
N ARG A 271 -5.61 -15.22 31.60
CA ARG A 271 -6.64 -16.18 31.18
C ARG A 271 -6.15 -16.95 29.97
N LEU A 272 -6.22 -18.28 30.08
CA LEU A 272 -5.79 -19.17 29.02
C LEU A 272 -6.74 -20.34 28.93
N GLY A 273 -6.93 -20.83 27.72
CA GLY A 273 -7.82 -21.94 27.45
C GLY A 273 -9.28 -21.79 27.81
N GLU A 274 -9.87 -20.65 27.47
CA GLU A 274 -11.25 -20.37 27.75
C GLU A 274 -12.09 -21.02 26.59
N PRO A 275 -13.35 -21.42 26.83
CA PRO A 275 -14.06 -21.27 28.09
C PRO A 275 -13.71 -22.36 29.08
N THR A 276 -13.33 -21.98 30.30
CA THR A 276 -13.03 -22.92 31.37
C THR A 276 -14.10 -22.74 32.39
N SER A 277 -14.31 -23.78 33.18
CA SER A 277 -15.53 -23.97 33.96
C SER A 277 -15.89 -22.89 35.00
N ASN A 278 -15.02 -22.65 35.97
CA ASN A 278 -15.40 -21.75 37.08
C ASN A 278 -15.25 -20.24 36.82
N GLU A 279 -14.56 -19.87 35.75
CA GLU A 279 -14.33 -18.45 35.44
C GLU A 279 -15.55 -17.80 34.74
N THR A 280 -15.60 -16.48 34.85
CA THR A 280 -16.66 -15.64 34.26
C THR A 280 -16.61 -15.58 32.73
N LEU A 281 -17.70 -15.09 32.15
CA LEU A 281 -17.83 -15.03 30.68
C LEU A 281 -17.18 -13.81 30.01
N SER A 282 -16.74 -12.84 30.80
CA SER A 282 -16.17 -11.62 30.26
C SER A 282 -15.09 -11.78 29.19
N CYS A 283 -14.28 -12.83 29.28
CA CYS A 283 -13.24 -13.12 28.29
C CYS A 283 -13.86 -13.70 27.01
N VAL A 284 -14.68 -14.75 27.14
CA VAL A 284 -15.34 -15.32 25.94
C VAL A 284 -16.27 -14.33 25.23
N ILE A 285 -16.94 -13.48 26.00
CA ILE A 285 -17.80 -12.41 25.42
C ILE A 285 -16.98 -11.51 24.51
N ILE A 286 -15.90 -10.98 25.07
CA ILE A 286 -15.04 -10.09 24.33
C ILE A 286 -14.39 -10.81 23.16
N PHE A 287 -14.03 -12.08 23.36
CA PHE A 287 -13.52 -12.85 22.25
C PHE A 287 -14.49 -12.95 21.15
N VAL A 288 -15.73 -13.38 21.44
CA VAL A 288 -16.78 -13.50 20.37
C VAL A 288 -17.06 -12.15 19.71
N ILE A 289 -17.32 -11.11 20.53
CA ILE A 289 -17.51 -9.78 19.95
C ILE A 289 -16.42 -9.48 18.91
N VAL A 290 -15.15 -9.59 19.27
CA VAL A 290 -14.06 -9.19 18.39
C VAL A 290 -13.86 -10.17 17.24
N TYR A 291 -13.71 -11.44 17.52
CA TYR A 291 -13.39 -12.41 16.45
C TYR A 291 -14.52 -12.63 15.42
N TYR A 292 -15.76 -12.76 15.88
CA TYR A 292 -16.90 -12.90 14.96
C TYR A 292 -16.98 -11.66 14.08
N ALA A 293 -16.92 -10.48 14.71
CA ALA A 293 -16.98 -9.21 13.97
C ALA A 293 -15.84 -9.09 12.96
N LEU A 294 -14.64 -9.49 13.39
CA LEU A 294 -13.50 -9.53 12.50
C LEU A 294 -13.69 -10.47 11.31
N MET A 295 -14.04 -11.73 11.57
CA MET A 295 -14.25 -12.68 10.48
C MET A 295 -15.43 -12.33 9.55
N ALA A 296 -16.54 -11.80 10.08
CA ALA A 296 -17.63 -11.39 9.22
C ALA A 296 -17.22 -10.24 8.29
N GLY A 297 -16.47 -9.29 8.85
CA GLY A 297 -15.93 -8.17 8.09
C GLY A 297 -15.01 -8.56 6.97
N PHE A 298 -14.26 -9.62 7.15
CA PHE A 298 -13.42 -10.12 6.09
C PHE A 298 -14.20 -10.76 4.93
N VAL A 299 -15.28 -11.48 5.25
CA VAL A 299 -16.12 -12.09 4.20
C VAL A 299 -17.00 -11.04 3.54
N TRP A 300 -17.48 -10.05 4.30
CA TRP A 300 -18.11 -8.89 3.67
C TRP A 300 -17.16 -8.12 2.73
N PHE A 301 -15.86 -8.13 3.02
CA PHE A 301 -14.85 -7.59 2.10
C PHE A 301 -14.80 -8.39 0.82
N VAL A 302 -14.86 -9.71 0.93
CA VAL A 302 -14.84 -10.55 -0.28
C VAL A 302 -16.12 -10.28 -1.05
N VAL A 303 -17.23 -10.17 -0.34
CA VAL A 303 -18.50 -9.83 -1.01
C VAL A 303 -18.41 -8.47 -1.76
N LEU A 304 -17.69 -7.51 -1.16
CA LEU A 304 -17.40 -6.27 -1.85
C LEU A 304 -16.55 -6.48 -3.12
N THR A 305 -15.52 -7.33 -3.05
CA THR A 305 -14.69 -7.59 -4.25
C THR A 305 -15.43 -8.41 -5.32
N TYR A 306 -16.40 -9.22 -4.91
CA TYR A 306 -17.23 -9.94 -5.84
C TYR A 306 -18.25 -8.99 -6.49
N ALA A 307 -18.82 -8.08 -5.66
CA ALA A 307 -19.75 -7.04 -6.16
C ALA A 307 -19.10 -6.21 -7.25
N TRP A 308 -17.84 -5.87 -7.03
CA TRP A 308 -17.03 -5.10 -7.98
C TRP A 308 -16.70 -5.89 -9.25
N HIS A 309 -16.38 -7.17 -9.12
CA HIS A 309 -16.06 -8.01 -10.29
C HIS A 309 -17.26 -8.26 -11.14
N THR A 310 -18.41 -8.52 -10.51
CA THR A 310 -19.65 -8.73 -11.29
C THR A 310 -20.33 -7.44 -11.78
N SER A 311 -19.96 -6.29 -11.26
CA SER A 311 -20.50 -5.03 -11.72
C SER A 311 -20.17 -4.76 -13.20
N PHE A 312 -19.01 -5.26 -13.67
CA PHE A 312 -18.60 -5.24 -15.10
C PHE A 312 -19.32 -6.26 -16.00
N LYS A 313 -19.73 -7.40 -15.45
CA LYS A 313 -20.47 -8.42 -16.20
C LYS A 313 -21.90 -7.99 -16.48
N ALA A 314 -22.42 -7.07 -15.65
CA ALA A 314 -23.68 -6.39 -15.90
C ALA A 314 -23.69 -5.66 -17.26
N LEU A 315 -22.50 -5.30 -17.74
CA LEU A 315 -22.34 -4.62 -19.03
C LEU A 315 -22.87 -5.49 -20.17
N GLY A 316 -22.96 -6.81 -19.96
CA GLY A 316 -23.61 -7.70 -20.92
C GLY A 316 -25.12 -7.53 -21.06
N THR A 317 -25.66 -8.21 -22.07
CA THR A 317 -27.09 -8.18 -22.31
C THR A 317 -27.94 -8.51 -21.07
N THR A 318 -27.56 -9.53 -20.31
CA THR A 318 -28.30 -9.85 -19.09
C THR A 318 -27.72 -9.04 -17.94
N TYR A 319 -28.56 -8.25 -17.27
CA TYR A 319 -28.10 -7.51 -16.08
C TYR A 319 -27.58 -8.35 -14.90
N GLN A 320 -28.18 -9.52 -14.62
CA GLN A 320 -27.77 -10.43 -13.50
C GLN A 320 -27.75 -9.68 -12.16
N PRO A 321 -28.88 -9.59 -11.45
CA PRO A 321 -29.00 -8.75 -10.24
C PRO A 321 -28.30 -9.21 -8.95
N LEU A 322 -27.72 -8.25 -8.23
CA LEU A 322 -27.05 -8.47 -6.92
C LEU A 322 -28.09 -8.84 -5.86
N SER A 323 -29.32 -8.32 -6.00
CA SER A 323 -30.44 -8.57 -5.05
C SER A 323 -30.76 -10.06 -4.98
N GLY A 324 -30.70 -10.76 -6.12
CA GLY A 324 -30.94 -12.21 -6.17
C GLY A 324 -29.91 -12.97 -5.34
N LYS A 325 -28.65 -12.50 -5.37
CA LYS A 325 -27.51 -13.13 -4.65
C LYS A 325 -27.44 -12.68 -3.18
N THR A 326 -28.36 -11.82 -2.73
CA THR A 326 -28.32 -11.32 -1.33
C THR A 326 -28.41 -12.50 -0.36
N SER A 327 -29.29 -13.48 -0.64
CA SER A 327 -29.41 -14.66 0.25
C SER A 327 -28.03 -15.31 0.43
N TYR A 328 -27.35 -15.59 -0.69
CA TYR A 328 -26.01 -16.22 -0.69
C TYR A 328 -25.01 -15.41 0.15
N PHE A 329 -25.12 -14.07 0.12
CA PHE A 329 -24.22 -13.19 0.90
C PHE A 329 -24.47 -13.35 2.40
N HIS A 330 -25.70 -13.06 2.84
CA HIS A 330 -26.09 -13.21 4.26
C HIS A 330 -25.87 -14.62 4.84
N LEU A 331 -25.98 -15.65 4.01
CA LEU A 331 -25.64 -17.02 4.40
C LEU A 331 -24.17 -17.12 4.76
N LEU A 332 -23.30 -16.82 3.80
CA LEU A 332 -21.83 -16.94 3.98
C LEU A 332 -21.26 -15.99 5.04
N THR A 333 -21.72 -14.74 5.03
CA THR A 333 -21.15 -13.72 5.90
C THR A 333 -21.42 -13.85 7.37
N TRP A 334 -22.53 -14.48 7.74
CA TRP A 334 -22.87 -14.71 9.15
C TRP A 334 -22.62 -16.14 9.61
N SER A 335 -22.73 -17.08 8.67
CA SER A 335 -22.60 -18.52 8.93
C SER A 335 -21.15 -18.91 9.10
N LEU A 336 -20.29 -18.52 8.16
CA LEU A 336 -18.86 -18.89 8.27
C LEU A 336 -18.12 -18.40 9.55
N PRO A 337 -18.33 -17.12 10.00
CA PRO A 337 -17.71 -16.72 11.28
C PRO A 337 -18.25 -17.54 12.46
N PHE A 338 -19.55 -17.84 12.45
CA PHE A 338 -20.20 -18.65 13.49
C PHE A 338 -19.49 -19.99 13.60
N VAL A 339 -19.29 -20.68 12.46
CA VAL A 339 -18.60 -22.00 12.43
C VAL A 339 -17.22 -21.89 13.05
N LEU A 340 -16.42 -20.93 12.58
CA LEU A 340 -15.09 -20.69 13.16
C LEU A 340 -15.10 -20.37 14.66
N THR A 341 -15.98 -19.48 15.09
CA THR A 341 -16.13 -19.14 16.50
C THR A 341 -16.50 -20.34 17.34
N VAL A 342 -17.53 -21.05 16.91
CA VAL A 342 -17.97 -22.29 17.60
C VAL A 342 -16.81 -23.31 17.66
N ALA A 343 -16.17 -23.59 16.51
CA ALA A 343 -15.03 -24.48 16.44
C ALA A 343 -13.92 -24.06 17.42
N ILE A 344 -13.59 -22.76 17.45
CA ILE A 344 -12.62 -22.26 18.44
C ILE A 344 -13.11 -22.50 19.89
N LEU A 345 -14.36 -22.14 20.19
CA LEU A 345 -14.89 -22.34 21.54
C LEU A 345 -14.85 -23.81 21.93
N ALA A 346 -15.07 -24.68 20.97
CA ALA A 346 -15.07 -26.14 21.20
C ALA A 346 -13.71 -26.68 21.62
N VAL A 347 -12.68 -26.32 20.86
CA VAL A 347 -11.27 -26.67 21.24
C VAL A 347 -10.75 -25.83 22.40
N ALA A 348 -11.48 -24.76 22.75
CA ALA A 348 -11.22 -23.93 23.94
C ALA A 348 -9.85 -23.31 23.89
N GLN A 349 -9.67 -22.42 22.93
CA GLN A 349 -8.40 -21.79 22.68
C GLN A 349 -8.51 -20.27 22.84
N VAL A 350 -9.46 -19.80 23.64
CA VAL A 350 -9.61 -18.39 23.89
C VAL A 350 -8.61 -18.01 24.97
N ASP A 351 -7.70 -17.07 24.68
CA ASP A 351 -6.71 -16.63 25.64
C ASP A 351 -6.73 -15.10 25.77
N GLY A 352 -6.35 -14.56 26.93
CA GLY A 352 -6.27 -13.10 27.15
C GLY A 352 -4.85 -12.56 27.10
N ASP A 353 -4.72 -11.27 26.76
CA ASP A 353 -3.44 -10.56 26.69
C ASP A 353 -3.62 -9.14 27.22
N SER A 354 -2.81 -8.78 28.20
CA SER A 354 -2.86 -7.47 28.83
C SER A 354 -2.42 -6.32 27.94
N VAL A 355 -1.58 -6.56 26.93
CA VAL A 355 -1.14 -5.45 26.03
C VAL A 355 -2.25 -5.06 25.06
N SER A 356 -2.88 -6.07 24.47
CA SER A 356 -3.97 -5.86 23.53
C SER A 356 -5.22 -5.49 24.32
N GLY A 357 -5.40 -6.07 25.49
CA GLY A 357 -6.55 -5.78 26.34
C GLY A 357 -7.82 -6.46 25.90
N ILE A 358 -7.69 -7.52 25.11
CA ILE A 358 -8.84 -8.33 24.67
C ILE A 358 -8.51 -9.81 24.79
N CYS A 359 -9.52 -10.67 24.63
CA CYS A 359 -9.28 -12.10 24.52
C CYS A 359 -9.40 -12.58 23.07
N PHE A 360 -8.55 -13.49 22.63
CA PHE A 360 -8.54 -13.89 21.24
C PHE A 360 -8.16 -15.35 21.11
N VAL A 361 -8.32 -15.90 19.92
CA VAL A 361 -7.87 -17.26 19.66
C VAL A 361 -6.34 -17.34 19.57
N GLY A 362 -5.82 -18.49 20.00
CA GLY A 362 -4.40 -18.88 19.78
C GLY A 362 -3.28 -17.97 20.27
N TYR A 363 -3.53 -17.24 21.35
CA TYR A 363 -2.49 -16.36 21.91
C TYR A 363 -1.35 -17.18 22.54
N LYS A 364 -1.72 -18.09 23.45
CA LYS A 364 -0.79 -19.09 23.98
C LYS A 364 -0.41 -20.10 22.90
N ASN A 365 -1.38 -20.89 22.40
CA ASN A 365 -1.11 -21.93 21.38
C ASN A 365 -1.15 -21.40 19.96
N TYR A 366 0.04 -20.94 19.51
CA TYR A 366 0.19 -20.18 18.27
C TYR A 366 -0.17 -20.95 17.01
N ARG A 367 -0.05 -22.26 17.10
CA ARG A 367 -0.48 -23.11 16.02
C ARG A 367 -1.99 -23.04 15.71
N TYR A 368 -2.84 -22.75 16.70
CA TYR A 368 -4.28 -22.59 16.46
C TYR A 368 -4.58 -21.27 15.81
N ARG A 369 -3.76 -20.27 16.12
CA ARG A 369 -3.82 -18.94 15.49
C ARG A 369 -3.58 -19.03 13.94
N ALA A 370 -2.75 -20.01 13.53
CA ALA A 370 -2.52 -20.31 12.10
C ALA A 370 -3.80 -20.69 11.36
N GLY A 371 -4.53 -21.66 11.90
CA GLY A 371 -5.69 -22.20 11.20
C GLY A 371 -6.98 -21.45 11.41
N PHE A 372 -7.03 -20.54 12.38
CA PHE A 372 -8.23 -19.77 12.67
C PHE A 372 -8.07 -18.27 12.45
N VAL A 373 -6.86 -17.82 12.12
CA VAL A 373 -6.63 -16.39 11.84
C VAL A 373 -5.90 -16.31 10.51
N LEU A 374 -4.70 -16.91 10.41
CA LEU A 374 -3.91 -16.86 9.17
C LEU A 374 -4.56 -17.56 7.98
N ALA A 375 -5.25 -18.67 8.22
CA ALA A 375 -5.94 -19.36 7.12
C ALA A 375 -7.06 -18.52 6.53
N PRO A 376 -8.05 -18.10 7.34
CA PRO A 376 -9.09 -17.25 6.75
C PRO A 376 -8.61 -15.98 6.08
N ILE A 377 -7.67 -15.28 6.68
CA ILE A 377 -7.10 -14.10 6.03
C ILE A 377 -6.34 -14.49 4.74
N GLY A 378 -5.59 -15.60 4.78
CA GLY A 378 -4.93 -16.13 3.57
C GLY A 378 -5.96 -16.38 2.45
N LEU A 379 -7.07 -17.04 2.82
CA LEU A 379 -8.18 -17.27 1.92
C LEU A 379 -8.83 -15.98 1.40
N VAL A 380 -9.18 -15.02 2.27
CA VAL A 380 -9.82 -13.79 1.77
C VAL A 380 -8.85 -13.02 0.89
N LEU A 381 -7.54 -13.11 1.19
CA LEU A 381 -6.58 -12.53 0.25
C LEU A 381 -6.62 -13.15 -1.15
N ILE A 382 -6.62 -14.48 -1.22
CA ILE A 382 -6.62 -15.18 -2.49
C ILE A 382 -7.95 -14.97 -3.23
N VAL A 383 -9.07 -15.13 -2.53
CA VAL A 383 -10.39 -14.96 -3.17
C VAL A 383 -10.67 -13.49 -3.51
N GLY A 384 -10.56 -12.61 -2.52
CA GLY A 384 -10.76 -11.18 -2.74
C GLY A 384 -9.82 -10.62 -3.79
N GLY A 385 -8.56 -11.05 -3.69
CA GLY A 385 -7.53 -10.65 -4.64
C GLY A 385 -7.85 -11.13 -6.04
N TYR A 386 -8.29 -12.39 -6.15
CA TYR A 386 -8.74 -12.89 -7.46
C TYR A 386 -9.78 -11.99 -8.09
N PHE A 387 -10.87 -11.72 -7.37
CA PHE A 387 -11.93 -10.83 -7.87
C PHE A 387 -11.49 -9.40 -8.12
N LEU A 388 -10.62 -8.86 -7.29
CA LEU A 388 -10.01 -7.55 -7.62
C LEU A 388 -9.13 -7.54 -8.89
N ILE A 389 -8.27 -8.56 -9.06
CA ILE A 389 -7.44 -8.64 -10.26
C ILE A 389 -8.30 -8.88 -11.49
N ARG A 390 -9.23 -9.84 -11.39
CA ARG A 390 -10.10 -10.22 -12.51
C ARG A 390 -11.02 -9.06 -12.99
N GLY A 391 -11.38 -8.17 -12.06
CA GLY A 391 -12.10 -6.98 -12.39
C GLY A 391 -11.30 -5.95 -13.17
N VAL A 392 -10.11 -5.57 -12.70
CA VAL A 392 -9.29 -4.57 -13.44
C VAL A 392 -8.88 -5.12 -14.81
N MET A 393 -8.68 -6.43 -14.89
CA MET A 393 -8.45 -7.10 -16.18
C MET A 393 -9.60 -6.84 -17.15
N THR A 394 -10.83 -6.96 -16.64
CA THR A 394 -12.04 -6.66 -17.40
C THR A 394 -12.07 -5.17 -17.78
N LEU A 395 -11.85 -4.27 -16.82
CA LEU A 395 -11.82 -2.84 -17.13
C LEU A 395 -10.78 -2.45 -18.19
N PHE A 396 -9.51 -2.79 -17.94
CA PHE A 396 -8.41 -2.47 -18.86
C PHE A 396 -8.56 -3.15 -20.23
N SER A 397 -9.05 -4.40 -20.23
CA SER A 397 -9.29 -5.06 -21.50
C SER A 397 -10.37 -4.33 -22.32
N ALA A 398 -11.49 -4.05 -21.68
CA ALA A 398 -12.59 -3.27 -22.28
C ALA A 398 -12.11 -1.90 -22.76
N ARG A 399 -11.46 -1.18 -21.88
CA ARG A 399 -10.94 0.16 -22.15
C ARG A 399 -9.93 0.15 -23.33
N ARG A 400 -9.08 -0.90 -23.41
CA ARG A 400 -8.20 -0.98 -24.59
C ARG A 400 -8.90 -1.45 -25.87
N GLN A 401 -9.82 -2.41 -25.78
CA GLN A 401 -10.51 -2.88 -26.99
C GLN A 401 -11.28 -1.81 -27.73
N LEU A 402 -11.91 -0.90 -26.98
CA LEU A 402 -12.54 0.28 -27.56
C LEU A 402 -11.53 1.22 -28.17
N ALA A 403 -10.48 1.51 -27.42
CA ALA A 403 -9.41 2.38 -27.89
C ALA A 403 -8.78 1.89 -29.19
N ASP A 404 -8.51 0.59 -29.27
CA ASP A 404 -8.02 -0.03 -30.51
C ASP A 404 -8.98 0.04 -31.69
N LEU A 405 -10.28 -0.17 -31.43
CA LEU A 405 -11.30 -0.09 -32.47
C LEU A 405 -11.40 1.34 -32.91
N GLU A 406 -11.36 2.24 -31.95
CA GLU A 406 -11.45 3.66 -32.21
C GLU A 406 -10.32 4.09 -33.15
N ASP A 407 -9.11 3.66 -32.84
CA ASP A 407 -7.94 3.93 -33.64
C ASP A 407 -8.05 3.40 -35.09
N ASN A 408 -8.56 2.18 -35.23
CA ASN A 408 -8.71 1.55 -36.55
C ASN A 408 -9.79 2.27 -37.34
N TRP A 409 -10.89 2.60 -36.66
CA TRP A 409 -11.97 3.35 -37.29
C TRP A 409 -11.49 4.73 -37.72
N GLU A 410 -10.68 5.37 -36.91
CA GLU A 410 -10.08 6.65 -37.26
C GLU A 410 -9.05 6.53 -38.39
N THR A 411 -8.29 5.42 -38.42
CA THR A 411 -7.42 5.09 -39.57
C THR A 411 -8.19 4.93 -40.88
N LEU A 412 -9.35 4.25 -40.82
CA LEU A 412 -10.21 4.10 -42.03
C LEU A 412 -10.71 5.44 -42.59
N ASN A 413 -11.20 6.30 -41.71
CA ASN A 413 -11.76 7.61 -42.10
C ASN A 413 -10.71 8.57 -42.60
N ASP A 414 -9.51 8.53 -42.01
CA ASP A 414 -8.40 9.37 -42.45
C ASP A 414 -7.90 8.96 -43.83
N ASN A 415 -7.80 7.66 -44.06
CA ASN A 415 -7.40 7.15 -45.37
C ASN A 415 -8.45 7.30 -46.44
N LEU A 416 -9.73 7.34 -46.06
CA LEU A 416 -10.78 7.67 -47.03
C LEU A 416 -10.63 9.11 -47.57
N LYS A 417 -10.30 10.05 -46.68
CA LYS A 417 -10.01 11.44 -47.09
C LYS A 417 -8.85 11.51 -48.09
N VAL A 418 -7.80 10.73 -47.84
CA VAL A 418 -6.62 10.64 -48.73
C VAL A 418 -7.00 10.16 -50.13
N ILE A 419 -7.84 9.12 -50.19
CA ILE A 419 -8.29 8.55 -51.45
C ILE A 419 -9.18 9.54 -52.16
N GLU A 420 -10.07 10.20 -51.41
CA GLU A 420 -10.92 11.27 -52.00
C GLU A 420 -10.08 12.34 -52.74
N LYS A 421 -9.01 12.80 -52.09
CA LYS A 421 -8.12 13.86 -52.59
C LYS A 421 -7.06 13.39 -53.60
N ALA A 422 -6.75 12.09 -53.60
CA ALA A 422 -5.71 11.50 -54.46
C ALA A 422 -5.69 11.93 -55.93
N ASP A 423 -4.52 12.43 -56.33
CA ASP A 423 -4.17 12.67 -57.74
C ASP A 423 -3.91 11.39 -58.56
N ASN A 424 -3.36 10.36 -57.92
CA ASN A 424 -2.77 9.19 -58.60
C ASN A 424 -2.86 7.89 -57.78
N ALA A 425 -2.54 6.80 -58.45
CA ALA A 425 -2.77 5.43 -58.00
C ALA A 425 -1.91 4.99 -56.83
N ALA A 426 -0.68 5.48 -56.79
CA ALA A 426 0.25 5.17 -55.72
C ALA A 426 -0.28 5.66 -54.39
N GLN A 427 -0.89 6.85 -54.37
CA GLN A 427 -1.58 7.38 -53.19
C GLN A 427 -2.73 6.50 -52.80
N VAL A 428 -3.53 6.07 -53.78
CA VAL A 428 -4.74 5.27 -53.53
C VAL A 428 -4.42 3.89 -53.00
N LYS A 429 -3.45 3.23 -53.62
CA LYS A 429 -3.04 1.89 -53.22
C LYS A 429 -2.55 1.88 -51.76
N ASP A 430 -1.73 2.88 -51.42
CA ASP A 430 -1.15 3.05 -50.09
C ASP A 430 -2.25 3.23 -49.05
N ALA A 431 -3.15 4.19 -49.26
CA ALA A 431 -4.26 4.42 -48.34
C ALA A 431 -5.19 3.20 -48.19
N LEU A 432 -5.37 2.44 -49.27
CA LEU A 432 -6.18 1.22 -49.21
C LEU A 432 -5.48 0.09 -48.48
N THR A 433 -4.18 -0.11 -48.70
CA THR A 433 -3.51 -1.20 -47.95
C THR A 433 -3.56 -0.91 -46.45
N LYS A 434 -3.49 0.37 -46.08
CA LYS A 434 -3.63 0.77 -44.67
C LYS A 434 -5.03 0.55 -44.13
N MET A 435 -6.02 0.82 -44.98
CA MET A 435 -7.44 0.56 -44.66
C MET A 435 -7.72 -0.91 -44.46
N ARG A 436 -7.07 -1.72 -45.29
CA ARG A 436 -7.22 -3.17 -45.21
C ARG A 436 -6.73 -3.73 -43.85
N ALA A 437 -5.52 -3.29 -43.50
CA ALA A 437 -4.81 -3.66 -42.27
C ALA A 437 -5.60 -3.29 -41.05
N ALA A 438 -6.19 -2.08 -41.05
CA ALA A 438 -7.04 -1.58 -39.97
C ALA A 438 -8.34 -2.34 -39.85
N ALA A 439 -8.90 -2.74 -40.98
CA ALA A 439 -10.13 -3.53 -40.98
C ALA A 439 -9.90 -4.97 -40.48
N LEU A 440 -8.78 -5.59 -40.91
CA LEU A 440 -8.42 -6.94 -40.39
C LEU A 440 -8.15 -6.97 -38.88
N ASP A 441 -7.46 -5.93 -38.42
CA ASP A 441 -7.19 -5.68 -37.02
C ASP A 441 -8.47 -5.41 -36.26
N ALA A 442 -9.32 -4.53 -36.78
CA ALA A 442 -10.62 -4.27 -36.10
C ALA A 442 -11.51 -5.53 -36.07
N GLN A 443 -11.42 -6.38 -37.13
CA GLN A 443 -12.12 -7.70 -37.17
C GLN A 443 -11.77 -8.65 -36.02
N LYS A 444 -10.50 -8.62 -35.57
CA LYS A 444 -10.04 -9.42 -34.42
C LYS A 444 -10.65 -9.03 -33.04
N ALA A 445 -10.96 -7.75 -32.86
CA ALA A 445 -11.50 -7.19 -31.58
C ALA A 445 -12.80 -7.85 -31.12
N THR A 446 -13.06 -7.77 -29.82
CA THR A 446 -14.27 -8.33 -29.22
C THR A 446 -14.79 -7.36 -28.14
N PRO A 447 -16.10 -7.03 -28.14
CA PRO A 447 -16.64 -6.29 -26.96
C PRO A 447 -16.78 -7.22 -25.73
N PRO A 448 -16.70 -6.67 -24.49
CA PRO A 448 -16.28 -7.46 -23.31
C PRO A 448 -17.19 -8.62 -22.90
N ASP A 456 -18.13 -17.83 -31.84
CA ASP A 456 -19.26 -18.29 -32.63
C ASP A 456 -20.60 -17.59 -32.28
N SER A 457 -20.59 -16.54 -31.44
CA SER A 457 -21.82 -15.80 -31.02
C SER A 457 -22.59 -15.18 -32.21
N PRO A 458 -23.96 -15.14 -32.15
CA PRO A 458 -24.73 -14.53 -33.25
C PRO A 458 -24.46 -13.03 -33.46
N GLU A 459 -24.06 -12.32 -32.39
CA GLU A 459 -23.67 -10.89 -32.44
C GLU A 459 -22.33 -10.72 -33.12
N MET A 460 -21.39 -11.59 -32.73
CA MET A 460 -20.04 -11.66 -33.30
C MET A 460 -20.01 -12.10 -34.75
N LYS A 461 -20.92 -13.00 -35.16
CA LYS A 461 -21.03 -13.48 -36.58
C LYS A 461 -21.18 -12.34 -37.58
N ASP A 462 -22.18 -11.50 -37.29
CA ASP A 462 -22.53 -10.31 -38.07
C ASP A 462 -21.47 -9.20 -37.99
N PHE A 463 -20.76 -9.13 -36.86
CA PHE A 463 -19.62 -8.23 -36.67
C PHE A 463 -18.42 -8.66 -37.53
N ARG A 464 -17.97 -9.91 -37.38
CA ARG A 464 -16.84 -10.42 -38.18
C ARG A 464 -17.17 -10.45 -39.68
N HIS A 465 -18.43 -10.79 -40.04
CA HIS A 465 -18.87 -10.79 -41.46
C HIS A 465 -18.87 -9.39 -42.10
N GLY A 466 -19.31 -8.39 -41.33
CA GLY A 466 -19.30 -7.00 -41.78
C GLY A 466 -17.93 -6.50 -42.24
N PHE A 467 -16.88 -6.90 -41.52
CA PHE A 467 -15.48 -6.60 -41.90
C PHE A 467 -14.97 -7.44 -43.05
N ASP A 468 -15.36 -8.71 -43.11
CA ASP A 468 -15.06 -9.61 -44.25
C ASP A 468 -15.49 -8.98 -45.57
N ILE A 469 -16.68 -8.36 -45.54
CA ILE A 469 -17.28 -7.64 -46.67
C ILE A 469 -16.41 -6.45 -47.08
N LEU A 470 -16.09 -5.62 -46.08
CA LEU A 470 -15.26 -4.42 -46.22
C LEU A 470 -13.84 -4.69 -46.73
N VAL A 471 -13.19 -5.72 -46.17
CA VAL A 471 -11.85 -6.17 -46.61
C VAL A 471 -11.90 -6.65 -48.06
N GLY A 472 -12.97 -7.37 -48.40
CA GLY A 472 -13.22 -7.80 -49.78
C GLY A 472 -13.53 -6.67 -50.74
N GLN A 473 -14.17 -5.62 -50.24
CA GLN A 473 -14.34 -4.40 -51.02
C GLN A 473 -13.08 -3.55 -51.17
N ILE A 474 -12.26 -3.51 -50.14
CA ILE A 474 -10.98 -2.84 -50.20
C ILE A 474 -10.17 -3.62 -51.22
N ASP A 475 -10.30 -4.95 -51.14
CA ASP A 475 -9.64 -5.83 -52.10
C ASP A 475 -9.94 -5.48 -53.55
N ASP A 476 -11.24 -5.35 -53.82
CA ASP A 476 -11.71 -4.92 -55.12
C ASP A 476 -11.20 -3.57 -55.54
N ALA A 477 -11.22 -2.62 -54.60
CA ALA A 477 -10.74 -1.28 -54.88
C ALA A 477 -9.25 -1.26 -55.18
N LEU A 478 -8.48 -2.07 -54.46
CA LEU A 478 -7.04 -2.18 -54.68
C LEU A 478 -6.69 -2.67 -56.08
N LYS A 479 -7.47 -3.61 -56.61
CA LYS A 479 -7.20 -4.09 -57.97
C LYS A 479 -7.28 -2.94 -59.01
N LEU A 480 -8.30 -2.09 -58.86
CA LEU A 480 -8.46 -0.94 -59.73
C LEU A 480 -7.23 -0.05 -59.63
N ALA A 481 -6.77 0.13 -58.39
CA ALA A 481 -5.62 0.97 -58.11
C ALA A 481 -4.36 0.38 -58.73
N ASN A 482 -4.20 -0.94 -58.65
CA ASN A 482 -3.04 -1.64 -59.26
C ASN A 482 -3.09 -1.54 -60.77
N GLU A 483 -4.28 -1.71 -61.35
CA GLU A 483 -4.46 -1.54 -62.81
C GLU A 483 -4.29 -0.10 -63.27
N GLY A 484 -4.55 0.88 -62.40
CA GLY A 484 -4.25 2.30 -62.72
C GLY A 484 -5.48 3.17 -62.76
N LYS A 485 -6.61 2.55 -62.48
CA LYS A 485 -7.89 3.17 -62.68
C LYS A 485 -8.20 3.91 -61.39
N VAL A 486 -7.70 5.15 -61.32
CA VAL A 486 -7.81 5.98 -60.11
C VAL A 486 -9.25 6.38 -59.83
N LYS A 487 -9.96 6.89 -60.83
CA LYS A 487 -11.36 7.29 -60.67
C LYS A 487 -12.26 6.11 -60.27
N GLU A 488 -12.05 4.95 -60.92
CA GLU A 488 -12.76 3.67 -60.57
C GLU A 488 -12.48 3.24 -59.14
N ALA A 489 -11.18 3.22 -58.79
CA ALA A 489 -10.76 2.95 -57.41
C ALA A 489 -11.39 3.92 -56.38
N GLN A 490 -11.35 5.21 -56.67
CA GLN A 490 -11.95 6.26 -55.84
C GLN A 490 -13.47 6.13 -55.74
N ALA A 491 -14.09 5.71 -56.84
CA ALA A 491 -15.52 5.42 -56.89
C ALA A 491 -15.86 4.21 -56.00
N ALA A 492 -15.07 3.14 -56.13
CA ALA A 492 -15.16 1.96 -55.25
C ALA A 492 -14.99 2.30 -53.77
N ALA A 493 -14.06 3.22 -53.48
CA ALA A 493 -13.85 3.70 -52.09
C ALA A 493 -15.08 4.41 -51.46
N GLU A 494 -15.87 5.11 -52.28
CA GLU A 494 -17.08 5.78 -51.78
C GLU A 494 -18.10 4.74 -51.27
N GLN A 495 -18.10 3.53 -51.87
CA GLN A 495 -18.94 2.41 -51.38
C GLN A 495 -18.51 1.80 -50.04
N LEU A 496 -17.26 1.97 -49.65
CA LEU A 496 -16.80 1.55 -48.32
C LEU A 496 -17.45 2.38 -47.22
N LYS A 497 -17.68 3.67 -47.53
CA LYS A 497 -18.44 4.55 -46.62
C LYS A 497 -19.82 4.00 -46.28
N THR A 498 -20.56 3.45 -47.24
CA THR A 498 -21.92 2.89 -46.96
C THR A 498 -21.83 1.57 -46.17
N THR A 499 -20.93 0.69 -46.64
CA THR A 499 -20.64 -0.60 -45.99
C THR A 499 -20.26 -0.37 -44.52
N ARG A 500 -19.47 0.67 -44.27
CA ARG A 500 -19.08 1.09 -42.90
C ARG A 500 -20.27 1.57 -42.06
N ASN A 501 -21.14 2.39 -42.66
CA ASN A 501 -22.32 2.94 -41.95
C ASN A 501 -23.38 1.87 -41.64
N ALA A 502 -23.59 0.98 -42.61
CA ALA A 502 -24.58 -0.08 -42.47
C ALA A 502 -24.24 -1.18 -41.43
N TYR A 503 -22.96 -1.45 -41.17
CA TYR A 503 -22.58 -2.45 -40.14
C TYR A 503 -21.68 -1.88 -39.02
N ILE A 504 -20.51 -1.39 -39.41
CA ILE A 504 -19.45 -1.15 -38.45
C ILE A 504 -19.82 0.04 -37.55
N GLN A 505 -20.55 1.03 -38.08
CA GLN A 505 -20.98 2.17 -37.28
C GLN A 505 -21.87 1.79 -36.08
N LYS A 506 -22.90 0.98 -36.36
CA LYS A 506 -23.85 0.38 -35.39
C LYS A 506 -23.18 -0.30 -34.21
N TYR A 507 -22.13 -1.07 -34.50
CA TYR A 507 -21.34 -1.77 -33.48
C TYR A 507 -20.34 -0.87 -32.72
N LEU A 508 -19.76 0.11 -33.42
CA LEU A 508 -18.85 1.03 -32.74
C LEU A 508 -19.56 1.91 -31.68
N GLU A 509 -20.80 2.31 -31.99
CA GLU A 509 -21.64 3.05 -31.04
C GLU A 509 -21.96 2.22 -29.79
N ARG A 510 -22.26 0.93 -29.98
CA ARG A 510 -22.49 0.00 -28.86
C ARG A 510 -21.28 -0.17 -27.95
N ALA A 511 -20.10 -0.25 -28.54
CA ALA A 511 -18.86 -0.35 -27.79
C ALA A 511 -18.62 0.91 -26.94
N ARG A 512 -18.96 2.07 -27.50
CA ARG A 512 -18.84 3.34 -26.78
C ARG A 512 -19.83 3.43 -25.62
N SER A 513 -21.05 2.94 -25.84
CA SER A 513 -22.11 3.00 -24.81
C SER A 513 -21.88 2.05 -23.62
N THR A 514 -21.33 0.87 -23.89
CA THR A 514 -21.05 -0.10 -22.82
C THR A 514 -19.95 0.38 -21.88
N LEU A 515 -18.92 1.05 -22.40
CA LEU A 515 -17.91 1.70 -21.54
C LEU A 515 -18.38 3.00 -20.86
N SER A 516 -19.36 3.70 -21.43
CA SER A 516 -19.99 4.86 -20.79
C SER A 516 -20.83 4.47 -19.58
N LYS A 517 -21.35 3.24 -19.63
CA LYS A 517 -22.15 2.65 -18.57
C LYS A 517 -21.37 2.55 -17.23
N ILE A 518 -20.04 2.53 -17.32
CA ILE A 518 -19.20 2.45 -16.14
C ILE A 518 -19.29 3.75 -15.29
N ASN A 519 -20.06 3.70 -14.21
CA ASN A 519 -20.31 4.91 -13.40
C ASN A 519 -19.14 5.08 -12.43
N GLU A 520 -19.12 6.23 -11.76
CA GLU A 520 -18.09 6.49 -10.74
C GLU A 520 -18.27 5.62 -9.50
N THR A 521 -19.51 5.32 -9.09
CA THR A 521 -19.78 4.42 -7.94
C THR A 521 -19.20 3.00 -8.13
N MET A 522 -19.15 2.55 -9.37
CA MET A 522 -18.49 1.31 -9.78
C MET A 522 -16.99 1.37 -9.46
N LEU A 523 -16.31 2.39 -9.98
CA LEU A 523 -14.85 2.52 -9.83
C LEU A 523 -14.41 2.84 -8.39
N ARG A 524 -15.21 3.70 -7.75
CA ARG A 524 -15.07 4.03 -6.34
C ARG A 524 -15.08 2.73 -5.45
N LEU A 525 -16.03 1.83 -5.70
CA LEU A 525 -16.06 0.48 -5.08
C LEU A 525 -14.76 -0.31 -5.26
N GLY A 526 -14.19 -0.28 -6.44
CA GLY A 526 -12.89 -0.92 -6.68
C GLY A 526 -11.73 -0.23 -5.96
N ILE A 527 -11.76 1.10 -5.93
CA ILE A 527 -10.77 1.85 -5.16
C ILE A 527 -10.85 1.46 -3.68
N PHE A 528 -12.07 1.38 -3.16
CA PHE A 528 -12.24 0.92 -1.78
C PHE A 528 -11.78 -0.54 -1.62
N GLY A 529 -12.11 -1.38 -2.59
CA GLY A 529 -11.68 -2.77 -2.56
C GLY A 529 -10.19 -2.89 -2.48
N PHE A 530 -9.48 -2.16 -3.32
CA PHE A 530 -8.01 -2.20 -3.25
C PHE A 530 -7.50 -1.58 -1.94
N LEU A 531 -8.13 -0.49 -1.50
CA LEU A 531 -7.69 0.12 -0.21
C LEU A 531 -7.86 -0.83 0.99
N ALA A 532 -8.98 -1.54 1.04
CA ALA A 532 -9.19 -2.63 1.99
C ALA A 532 -8.21 -3.81 1.78
N PHE A 533 -7.99 -4.23 0.53
CA PHE A 533 -7.04 -5.33 0.23
C PHE A 533 -5.64 -5.05 0.76
N GLY A 534 -5.21 -3.79 0.62
CA GLY A 534 -3.87 -3.40 1.16
C GLY A 534 -3.70 -3.61 2.65
N PHE A 535 -4.68 -3.14 3.41
CA PHE A 535 -4.75 -3.38 4.84
C PHE A 535 -4.79 -4.87 5.23
N VAL A 536 -5.56 -5.64 4.47
CA VAL A 536 -5.65 -7.07 4.68
C VAL A 536 -4.26 -7.70 4.47
N LEU A 537 -3.61 -7.27 3.41
CA LEU A 537 -2.26 -7.74 3.15
C LEU A 537 -1.24 -7.37 4.25
N ILE A 538 -1.38 -6.18 4.83
CA ILE A 538 -0.58 -5.78 6.01
C ILE A 538 -0.90 -6.69 7.23
N THR A 539 -2.19 -6.78 7.60
CA THR A 539 -2.67 -7.66 8.71
C THR A 539 -2.12 -9.05 8.57
N PHE A 540 -2.34 -9.64 7.41
CA PHE A 540 -1.84 -10.98 7.14
C PHE A 540 -0.35 -11.12 7.49
N SER A 541 0.47 -10.21 6.96
CA SER A 541 1.94 -10.19 7.21
C SER A 541 2.33 -10.04 8.69
N CYS A 542 1.58 -9.23 9.43
CA CYS A 542 1.81 -9.15 10.85
C CYS A 542 1.55 -10.48 11.61
N HIS A 543 0.39 -11.08 11.35
CA HIS A 543 0.06 -12.41 11.93
C HIS A 543 1.03 -13.48 11.51
N PHE A 544 1.44 -13.41 10.25
CA PHE A 544 2.41 -14.33 9.69
C PHE A 544 3.75 -14.17 10.41
N TYR A 545 4.15 -12.91 10.57
CA TYR A 545 5.37 -12.61 11.29
C TYR A 545 5.28 -13.13 12.72
N ASP A 546 4.16 -12.88 13.38
CA ASP A 546 4.01 -13.34 14.76
C ASP A 546 4.06 -14.85 14.84
N PHE A 547 3.42 -15.50 13.86
CA PHE A 547 3.37 -16.95 13.86
C PHE A 547 4.77 -17.50 13.66
N PHE A 548 5.51 -16.91 12.72
CA PHE A 548 6.89 -17.37 12.43
C PHE A 548 7.85 -17.23 13.61
N ASN A 549 7.76 -16.14 14.34
CA ASN A 549 8.66 -15.89 15.46
C ASN A 549 8.13 -16.23 16.85
N GLN A 550 6.88 -16.72 16.96
CA GLN A 550 6.40 -17.04 18.32
C GLN A 550 7.13 -18.16 19.03
N ALA A 551 7.55 -19.18 18.29
CA ALA A 551 8.19 -20.33 18.89
C ALA A 551 9.44 -19.94 19.64
N GLU A 552 10.26 -19.08 19.04
CA GLU A 552 11.45 -18.58 19.73
C GLU A 552 11.04 -17.74 20.93
N TRP A 553 9.97 -16.95 20.80
CA TRP A 553 9.54 -16.10 21.91
C TRP A 553 9.16 -16.89 23.16
N GLU A 554 8.58 -18.10 22.92
CA GLU A 554 8.21 -19.02 23.97
C GLU A 554 9.43 -19.69 24.56
N ARG A 555 10.38 -20.07 23.71
CA ARG A 555 11.64 -20.67 24.15
C ARG A 555 12.41 -19.72 24.99
N SER A 556 12.37 -18.45 24.59
CA SER A 556 13.11 -17.39 25.29
C SER A 556 12.56 -17.10 26.63
N PHE A 557 11.27 -17.41 26.79
CA PHE A 557 10.56 -17.23 28.07
C PHE A 557 10.90 -18.38 28.97
N ARG A 558 10.83 -19.62 28.48
CA ARG A 558 11.18 -20.76 29.33
C ARG A 558 12.62 -20.64 29.84
N ASP A 559 13.53 -20.32 28.96
CA ASP A 559 14.91 -20.12 29.35
C ASP A 559 15.08 -19.02 30.39
N TYR A 560 14.22 -18.00 30.34
CA TYR A 560 14.24 -16.93 31.32
C TYR A 560 13.68 -17.42 32.61
N VAL A 561 12.58 -18.16 32.57
CA VAL A 561 11.97 -18.77 33.78
C VAL A 561 12.95 -19.72 34.49
N LEU A 562 13.55 -20.64 33.74
CA LEU A 562 14.50 -21.56 34.28
C LEU A 562 15.74 -20.84 34.79
N CYS A 563 16.13 -19.76 34.13
CA CYS A 563 17.29 -18.98 34.56
C CYS A 563 17.09 -18.42 35.96
N GLN A 564 15.89 -17.91 36.23
CA GLN A 564 15.57 -17.34 37.53
C GLN A 564 15.81 -18.35 38.69
N ALA A 565 15.40 -19.59 38.52
CA ALA A 565 15.67 -20.60 39.54
C ALA A 565 17.09 -21.11 39.57
N ASN A 566 17.68 -21.21 38.38
CA ASN A 566 18.99 -21.81 38.21
C ASN A 566 20.05 -20.84 38.72
N VAL A 567 19.79 -19.52 38.66
CA VAL A 567 20.82 -18.54 38.97
C VAL A 567 20.91 -18.27 40.46
N THR A 568 19.80 -18.51 41.16
CA THR A 568 19.73 -18.40 42.64
C THR A 568 20.58 -19.49 43.38
N ILE A 569 20.74 -20.66 42.77
CA ILE A 569 21.65 -21.72 43.28
C ILE A 569 23.00 -21.78 42.52
N GLY A 570 24.01 -22.35 43.18
CA GLY A 570 25.36 -22.47 42.60
C GLY A 570 26.02 -21.10 42.47
N LEU A 571 25.51 -20.11 43.20
CA LEU A 571 26.05 -18.72 43.16
C LEU A 571 26.50 -18.30 44.56
N PRO A 572 27.65 -17.61 44.70
CA PRO A 572 28.15 -17.14 46.01
C PRO A 572 27.20 -16.10 46.61
N THR A 573 27.12 -16.05 47.94
CA THR A 573 26.18 -15.11 48.63
C THR A 573 26.52 -13.67 48.23
N LYS A 574 27.82 -13.34 48.21
CA LYS A 574 28.47 -12.04 47.89
C LYS A 574 27.48 -10.89 47.58
N GLN A 575 27.43 -10.49 46.30
CA GLN A 575 26.55 -9.39 45.81
C GLN A 575 25.15 -9.94 45.50
N PRO A 576 24.13 -9.08 45.26
CA PRO A 576 22.76 -9.53 44.96
C PRO A 576 22.70 -10.49 43.75
N ILE A 577 21.77 -11.44 43.79
CA ILE A 577 21.68 -12.44 42.72
C ILE A 577 21.41 -11.70 41.40
N PRO A 578 22.13 -12.09 40.32
CA PRO A 578 22.04 -11.36 39.07
C PRO A 578 20.73 -11.66 38.37
N ASP A 579 20.11 -10.65 37.83
CA ASP A 579 18.86 -10.82 37.08
C ASP A 579 19.17 -11.42 35.70
N CYS A 580 18.21 -12.15 35.16
CA CYS A 580 18.31 -12.79 33.86
C CYS A 580 17.66 -11.93 32.81
N GLU A 581 17.72 -12.35 31.54
CA GLU A 581 17.15 -11.61 30.44
C GLU A 581 16.32 -12.52 29.54
N ILE A 582 15.58 -11.90 28.62
CA ILE A 582 14.75 -12.59 27.64
C ILE A 582 15.39 -12.29 26.31
N LYS A 583 15.92 -13.31 25.64
CA LYS A 583 16.51 -13.16 24.32
C LYS A 583 15.64 -12.32 23.33
N ASN A 584 14.38 -12.72 23.15
CA ASN A 584 13.50 -12.10 22.18
C ASN A 584 12.05 -12.11 22.63
N ARG A 585 11.29 -11.16 22.07
CA ARG A 585 9.89 -10.98 22.40
C ARG A 585 9.10 -10.44 21.17
N PRO A 586 7.75 -10.45 21.24
CA PRO A 586 7.02 -9.91 20.11
C PRO A 586 7.27 -8.39 19.88
N SER A 587 7.26 -7.96 18.61
CA SER A 587 7.56 -6.56 18.27
C SER A 587 6.34 -5.70 18.44
N LEU A 588 6.45 -4.64 19.23
CA LEU A 588 5.30 -3.73 19.46
C LEU A 588 5.02 -2.82 18.26
N LEU A 589 6.03 -2.58 17.45
CA LEU A 589 5.88 -1.88 16.21
C LEU A 589 5.00 -2.73 15.31
N VAL A 590 5.30 -4.03 15.23
CA VAL A 590 4.44 -4.91 14.43
C VAL A 590 2.98 -4.90 14.95
N GLU A 591 2.82 -5.02 16.26
CA GLU A 591 1.49 -4.93 16.86
C GLU A 591 0.80 -3.61 16.47
N LYS A 592 1.54 -2.49 16.54
CA LYS A 592 0.99 -1.17 16.19
C LYS A 592 0.64 -1.02 14.70
N ILE A 593 1.45 -1.65 13.87
CA ILE A 593 1.18 -1.79 12.42
C ILE A 593 -0.12 -2.61 12.18
N ASN A 594 -0.22 -3.77 12.81
CA ASN A 594 -1.43 -4.59 12.68
C ASN A 594 -2.66 -3.83 13.17
N LEU A 595 -2.51 -3.12 14.28
CA LEU A 595 -3.63 -2.27 14.76
C LEU A 595 -3.98 -1.14 13.81
N PHE A 596 -2.96 -0.51 13.24
CA PHE A 596 -3.22 0.56 12.26
C PHE A 596 -3.90 0.02 11.05
N ALA A 597 -3.48 -1.17 10.60
CA ALA A 597 -4.15 -1.82 9.45
C ALA A 597 -5.59 -2.23 9.77
N MET A 598 -5.83 -2.92 10.90
CA MET A 598 -7.21 -3.31 11.27
C MET A 598 -8.12 -2.09 11.39
N PHE A 599 -7.75 -1.12 12.23
CA PHE A 599 -8.58 0.09 12.45
C PHE A 599 -8.58 1.06 11.27
N GLY A 600 -7.54 1.01 10.46
CA GLY A 600 -7.43 1.86 9.28
C GLY A 600 -8.42 1.50 8.20
N THR A 601 -8.66 0.22 8.02
CA THR A 601 -9.71 -0.27 7.16
C THR A 601 -11.05 0.26 7.62
N GLY A 602 -11.37 0.13 8.90
CA GLY A 602 -12.60 0.68 9.43
C GLY A 602 -12.77 2.17 9.14
N ILE A 603 -11.68 2.93 9.25
CA ILE A 603 -11.73 4.35 8.98
C ILE A 603 -11.91 4.60 7.49
N ALA A 604 -11.10 3.94 6.67
CA ALA A 604 -11.22 4.10 5.21
C ALA A 604 -12.62 3.72 4.68
N MET A 605 -13.12 2.57 5.09
CA MET A 605 -14.44 2.15 4.68
C MET A 605 -15.53 3.13 5.16
N SER A 606 -15.30 3.84 6.27
CA SER A 606 -16.28 4.83 6.76
C SER A 606 -16.37 6.08 5.86
N THR A 607 -15.31 6.35 5.09
CA THR A 607 -15.32 7.46 4.11
C THR A 607 -16.16 7.22 2.84
N TRP A 608 -16.85 6.10 2.75
CA TRP A 608 -17.79 5.84 1.66
C TRP A 608 -18.97 6.84 1.63
N VAL A 609 -19.35 7.29 2.82
CA VAL A 609 -20.40 8.28 2.97
C VAL A 609 -19.83 9.71 3.09
N TRP A 610 -18.54 9.94 2.87
CA TRP A 610 -17.99 11.32 2.95
C TRP A 610 -18.21 12.10 1.62
N THR A 611 -19.49 12.29 1.30
CA THR A 611 -19.96 12.80 0.00
C THR A 611 -20.87 14.00 0.22
N LYS A 612 -21.13 14.75 -0.86
CA LYS A 612 -22.10 15.89 -0.90
C LYS A 612 -23.49 15.49 -0.39
N ALA A 613 -23.94 14.34 -0.93
CA ALA A 613 -25.27 13.74 -0.71
C ALA A 613 -25.63 13.52 0.77
N THR A 614 -24.66 13.06 1.54
CA THR A 614 -24.86 12.73 2.96
C THR A 614 -24.78 13.96 3.88
N LEU A 615 -24.03 15.00 3.48
CA LEU A 615 -24.02 16.31 4.14
C LEU A 615 -25.41 16.92 4.07
N LEU A 616 -26.15 16.59 3.00
CA LEU A 616 -27.55 17.02 2.81
C LEU A 616 -28.49 16.29 3.78
N ILE A 617 -28.24 15.00 4.01
CA ILE A 617 -29.09 14.16 4.87
C ILE A 617 -29.03 14.59 6.33
N TRP A 618 -27.85 15.00 6.79
CA TRP A 618 -27.69 15.55 8.16
C TRP A 618 -28.22 16.97 8.33
N ARG A 619 -28.00 17.81 7.32
CA ARG A 619 -28.55 19.18 7.31
C ARG A 619 -30.08 19.17 7.15
N ARG A 620 -30.62 18.11 6.53
CA ARG A 620 -32.06 17.93 6.43
C ARG A 620 -32.61 17.72 7.82
N THR A 621 -31.92 16.89 8.59
CA THR A 621 -32.30 16.55 9.95
C THR A 621 -32.21 17.70 10.97
N TRP A 622 -31.14 18.50 10.90
CA TRP A 622 -30.96 19.63 11.82
C TRP A 622 -32.11 20.64 11.73
N CYS A 623 -32.51 20.95 10.49
CA CYS A 623 -33.61 21.88 10.28
C CYS A 623 -34.88 21.26 10.86
N ARG A 624 -35.04 19.95 10.66
CA ARG A 624 -36.20 19.24 11.19
C ARG A 624 -36.29 19.45 12.71
N LEU A 625 -35.18 19.18 13.38
CA LEU A 625 -35.10 19.37 14.83
C LEU A 625 -35.25 20.83 15.28
N THR A 626 -34.67 21.76 14.52
CA THR A 626 -34.76 23.20 14.85
C THR A 626 -35.78 23.93 13.96
N PRO B 27 -13.37 49.74 -70.22
CA PRO B 27 -12.48 49.15 -71.21
C PRO B 27 -12.67 47.67 -71.31
N PRO B 28 -12.22 47.03 -72.41
CA PRO B 28 -12.45 45.60 -72.56
C PRO B 28 -11.56 44.86 -71.58
N PRO B 29 -12.07 43.78 -70.96
CA PRO B 29 -11.20 42.92 -70.12
C PRO B 29 -10.10 42.29 -70.97
N LEU B 30 -8.90 42.18 -70.41
CA LEU B 30 -7.80 41.52 -71.11
C LEU B 30 -8.20 40.11 -71.56
N SER B 31 -7.85 39.76 -72.80
CA SER B 31 -8.17 38.45 -73.38
C SER B 31 -7.86 37.29 -72.42
N HIS B 32 -6.80 37.44 -71.62
CA HIS B 32 -6.41 36.46 -70.58
C HIS B 32 -7.13 36.57 -69.22
N CYS B 33 -7.62 37.75 -68.88
CA CYS B 33 -8.46 38.00 -67.69
C CYS B 33 -9.95 37.65 -67.83
N GLY B 34 -10.27 36.62 -68.60
CA GLY B 34 -11.66 36.21 -68.75
C GLY B 34 -11.71 34.99 -69.62
N ARG B 35 -12.87 34.35 -69.68
CA ARG B 35 -12.99 33.11 -70.44
C ARG B 35 -14.33 33.00 -71.15
N ALA B 36 -14.30 32.30 -72.28
CA ALA B 36 -15.45 32.14 -73.16
C ALA B 36 -16.41 31.12 -72.57
N ALA B 37 -17.53 31.61 -72.06
CA ALA B 37 -18.54 30.74 -71.44
C ALA B 37 -19.92 31.33 -71.69
N PRO B 38 -20.93 30.48 -71.98
CA PRO B 38 -22.30 30.98 -72.15
C PRO B 38 -22.88 31.55 -70.85
N CYS B 39 -23.48 32.74 -70.92
CA CYS B 39 -24.02 33.38 -69.72
C CYS B 39 -25.43 32.91 -69.42
N GLU B 40 -25.74 32.70 -68.15
CA GLU B 40 -27.11 32.45 -67.70
C GLU B 40 -27.50 33.51 -66.67
N PRO B 41 -28.77 33.94 -66.68
CA PRO B 41 -29.18 34.97 -65.72
C PRO B 41 -29.12 34.44 -64.28
N LEU B 42 -28.88 35.35 -63.35
CA LEU B 42 -28.71 34.96 -61.93
C LEU B 42 -30.02 34.49 -61.33
N ARG B 43 -29.99 33.41 -60.58
CA ARG B 43 -31.16 32.92 -59.85
C ARG B 43 -31.28 33.64 -58.51
N TYR B 44 -30.15 34.08 -57.95
CA TYR B 44 -30.08 34.69 -56.61
C TYR B 44 -29.51 36.08 -56.77
N ASN B 45 -30.14 37.03 -56.11
CA ASN B 45 -29.71 38.43 -56.17
C ASN B 45 -28.53 38.72 -55.26
N VAL B 46 -28.22 37.77 -54.37
CA VAL B 46 -27.28 37.93 -53.25
C VAL B 46 -26.22 36.79 -53.23
N CYS B 47 -24.97 37.18 -52.99
CA CYS B 47 -23.87 36.24 -52.80
C CYS B 47 -23.29 36.42 -51.39
N LEU B 48 -23.48 35.39 -50.56
CA LEU B 48 -23.05 35.34 -49.15
C LEU B 48 -23.38 36.62 -48.39
N GLY B 49 -24.65 37.01 -48.44
CA GLY B 49 -25.12 38.18 -47.72
C GLY B 49 -25.14 39.47 -48.51
N SER B 50 -24.28 39.60 -49.53
CA SER B 50 -24.15 40.87 -50.27
C SER B 50 -24.80 40.83 -51.67
N VAL B 51 -25.64 41.82 -51.96
CA VAL B 51 -26.31 41.95 -53.27
C VAL B 51 -25.27 42.28 -54.37
N LEU B 52 -25.43 41.68 -55.56
CA LEU B 52 -24.44 41.72 -56.65
C LEU B 52 -24.70 42.82 -57.68
N PRO B 53 -23.62 43.49 -58.17
CA PRO B 53 -23.79 44.56 -59.15
C PRO B 53 -24.09 44.12 -60.58
N TYR B 54 -24.12 42.80 -60.84
CA TYR B 54 -24.40 42.27 -62.20
C TYR B 54 -25.67 41.44 -62.14
N GLY B 55 -26.09 40.92 -63.29
CA GLY B 55 -27.27 40.05 -63.43
C GLY B 55 -27.06 38.68 -64.08
N ALA B 56 -25.86 38.36 -64.58
CA ALA B 56 -25.62 37.06 -65.23
C ALA B 56 -24.34 36.39 -64.72
N THR B 57 -24.36 35.04 -64.69
CA THR B 57 -23.29 34.25 -64.05
C THR B 57 -22.91 33.02 -64.87
N SER B 58 -21.94 32.23 -64.39
CA SER B 58 -21.49 31.00 -65.06
C SER B 58 -20.89 30.02 -64.01
N THR B 59 -21.26 28.74 -64.13
CA THR B 59 -20.76 27.68 -63.22
C THR B 59 -19.59 26.92 -63.90
N LEU B 60 -18.79 27.68 -64.66
CA LEU B 60 -17.59 27.16 -65.31
C LEU B 60 -16.44 27.22 -64.32
N LEU B 61 -16.36 28.31 -63.56
CA LEU B 61 -15.24 28.54 -62.65
C LEU B 61 -15.23 27.59 -61.43
N ALA B 62 -16.42 27.17 -61.01
CA ALA B 62 -16.60 26.18 -59.94
C ALA B 62 -16.66 24.79 -60.57
N GLY B 63 -15.61 23.98 -60.32
CA GLY B 63 -15.51 22.61 -60.86
C GLY B 63 -16.51 21.66 -60.25
N ASP B 64 -16.69 21.80 -58.94
CA ASP B 64 -17.70 21.07 -58.15
C ASP B 64 -19.17 21.36 -58.50
N SER B 65 -19.43 22.46 -59.19
CA SER B 65 -20.78 22.91 -59.52
C SER B 65 -21.04 22.92 -61.03
N ASP B 66 -22.21 22.39 -61.43
CA ASP B 66 -22.76 22.41 -62.79
C ASP B 66 -24.03 23.26 -62.90
N SER B 67 -24.82 23.27 -61.83
CA SER B 67 -26.00 24.13 -61.71
C SER B 67 -25.74 25.33 -60.79
N GLN B 68 -26.45 26.43 -61.01
CA GLN B 68 -26.42 27.57 -60.08
C GLN B 68 -26.90 27.16 -58.70
N GLU B 69 -27.87 26.25 -58.64
CA GLU B 69 -28.43 25.73 -57.38
C GLU B 69 -27.41 24.88 -56.61
N GLU B 70 -26.68 24.06 -57.34
CA GLU B 70 -25.58 23.28 -56.79
C GLU B 70 -24.48 24.18 -56.23
N ALA B 71 -24.12 25.22 -57.00
CA ALA B 71 -23.15 26.22 -56.56
C ALA B 71 -23.54 26.91 -55.27
N HIS B 72 -24.82 27.30 -55.19
CA HIS B 72 -25.37 27.92 -53.99
C HIS B 72 -25.30 26.98 -52.78
N GLY B 73 -25.57 25.69 -52.99
CA GLY B 73 -25.42 24.69 -51.93
C GLY B 73 -23.98 24.51 -51.46
N LYS B 74 -23.04 24.49 -52.42
CA LYS B 74 -21.61 24.50 -52.07
C LYS B 74 -21.23 25.74 -51.27
N LEU B 75 -21.76 26.90 -51.70
CA LEU B 75 -21.55 28.14 -50.90
C LEU B 75 -22.06 28.07 -49.45
N VAL B 76 -23.15 27.34 -49.27
CA VAL B 76 -23.66 27.07 -47.93
C VAL B 76 -22.67 26.16 -47.14
N LEU B 77 -21.94 25.27 -47.81
CA LEU B 77 -20.90 24.48 -47.13
C LEU B 77 -19.66 25.30 -46.82
N TRP B 78 -19.26 26.14 -47.76
CA TRP B 78 -18.11 27.04 -47.46
C TRP B 78 -18.41 27.97 -46.29
N SER B 79 -19.65 28.44 -46.22
CA SER B 79 -20.02 29.35 -45.16
C SER B 79 -19.92 28.79 -43.73
N GLY B 80 -19.56 27.50 -43.57
CA GLY B 80 -19.10 27.00 -42.26
C GLY B 80 -17.77 27.58 -41.76
N LEU B 81 -17.05 28.26 -42.67
CA LEU B 81 -15.87 29.06 -42.31
C LEU B 81 -16.18 30.42 -41.75
N ARG B 82 -17.45 30.74 -41.49
CA ARG B 82 -17.83 31.97 -40.76
C ARG B 82 -17.13 32.23 -39.46
N ASN B 83 -16.83 31.14 -38.76
CA ASN B 83 -16.28 31.24 -37.38
C ASN B 83 -14.86 31.82 -37.21
N ALA B 84 -13.90 31.42 -38.04
CA ALA B 84 -12.54 32.03 -38.22
C ALA B 84 -12.56 33.46 -38.82
N PRO B 85 -12.48 34.55 -37.99
CA PRO B 85 -12.59 35.90 -38.57
C PRO B 85 -11.52 36.24 -39.59
N ARG B 86 -10.29 35.86 -39.28
CA ARG B 86 -9.16 36.16 -40.15
C ARG B 86 -9.30 35.48 -41.52
N CYS B 87 -9.81 34.26 -41.56
CA CYS B 87 -10.04 33.55 -42.83
C CYS B 87 -11.32 33.95 -43.56
N TRP B 88 -12.45 34.01 -42.83
CA TRP B 88 -13.76 34.37 -43.46
C TRP B 88 -13.72 35.69 -44.22
N ALA B 89 -13.04 36.66 -43.60
CA ALA B 89 -12.93 38.00 -44.15
C ALA B 89 -12.27 37.99 -45.52
N VAL B 90 -11.23 37.16 -45.73
CA VAL B 90 -10.69 37.01 -47.08
C VAL B 90 -11.36 35.96 -47.98
N ILE B 91 -11.97 34.93 -47.43
CA ILE B 91 -12.55 33.90 -48.34
C ILE B 91 -13.87 34.32 -49.06
N GLN B 92 -14.75 35.07 -48.38
CA GLN B 92 -16.01 35.58 -48.97
C GLN B 92 -15.90 36.18 -50.39
N PRO B 93 -15.01 37.18 -50.58
CA PRO B 93 -14.76 37.68 -51.92
C PRO B 93 -14.28 36.64 -52.92
N LEU B 94 -13.41 35.72 -52.47
CA LEU B 94 -12.87 34.71 -53.39
C LEU B 94 -13.98 33.78 -53.84
N LEU B 95 -14.80 33.34 -52.90
CA LEU B 95 -15.86 32.37 -53.21
C LEU B 95 -16.89 32.93 -54.19
N CYS B 96 -17.35 34.18 -54.00
CA CYS B 96 -18.26 34.80 -54.98
C CYS B 96 -17.65 34.86 -56.34
N ALA B 97 -16.43 35.37 -56.40
CA ALA B 97 -15.73 35.49 -57.68
C ALA B 97 -15.60 34.16 -58.47
N VAL B 98 -15.72 33.01 -57.77
CA VAL B 98 -15.66 31.67 -58.37
C VAL B 98 -17.03 31.02 -58.61
N TYR B 99 -17.89 31.05 -57.59
CA TYR B 99 -19.20 30.38 -57.68
C TYR B 99 -20.27 31.24 -58.33
N MET B 100 -20.22 32.55 -58.08
CA MET B 100 -21.18 33.49 -58.68
C MET B 100 -20.49 34.59 -59.48
N PRO B 101 -19.60 34.22 -60.45
CA PRO B 101 -18.85 35.26 -61.16
C PRO B 101 -19.69 35.98 -62.18
N LYS B 102 -19.24 37.15 -62.59
CA LYS B 102 -19.94 37.96 -63.56
C LYS B 102 -19.69 37.40 -64.94
N CYS B 103 -20.80 37.13 -65.64
CA CYS B 103 -20.73 36.75 -67.04
C CYS B 103 -21.47 37.84 -67.84
N GLU B 104 -20.80 38.46 -68.82
CA GLU B 104 -21.44 39.47 -69.66
C GLU B 104 -21.08 39.21 -71.12
N ASN B 105 -22.11 39.01 -71.94
CA ASN B 105 -21.97 38.72 -73.35
C ASN B 105 -20.98 37.58 -73.65
N ASP B 106 -21.38 36.39 -73.20
CA ASP B 106 -20.62 35.13 -73.35
C ASP B 106 -19.14 35.06 -72.92
N ARG B 107 -18.75 35.91 -71.98
CA ARG B 107 -17.41 35.91 -71.41
C ARG B 107 -17.60 36.08 -69.91
N VAL B 108 -17.00 35.17 -69.14
CA VAL B 108 -17.08 35.20 -67.67
C VAL B 108 -15.77 35.81 -67.15
N GLU B 109 -15.88 36.64 -66.10
CA GLU B 109 -14.72 37.33 -65.54
C GLU B 109 -13.96 36.42 -64.55
N LEU B 110 -12.67 36.20 -64.81
CA LEU B 110 -11.82 35.34 -63.99
C LEU B 110 -11.30 36.11 -62.75
N PRO B 111 -11.17 35.43 -61.60
CA PRO B 111 -10.68 36.13 -60.41
C PRO B 111 -9.15 36.26 -60.42
N SER B 112 -8.64 37.39 -59.94
CA SER B 112 -7.18 37.68 -59.91
C SER B 112 -6.46 36.81 -58.88
N ARG B 113 -5.16 36.60 -59.10
CA ARG B 113 -4.31 35.79 -58.18
C ARG B 113 -4.23 36.49 -56.82
N THR B 114 -4.09 37.82 -56.82
CA THR B 114 -3.98 38.60 -55.56
C THR B 114 -5.18 38.27 -54.65
N LEU B 115 -6.32 37.95 -55.23
CA LEU B 115 -7.54 37.60 -54.45
C LEU B 115 -7.50 36.17 -53.89
N CYS B 116 -6.87 35.28 -54.65
CA CYS B 116 -6.75 33.87 -54.28
C CYS B 116 -5.64 33.69 -53.26
N GLN B 117 -4.46 34.26 -53.54
CA GLN B 117 -3.29 34.17 -52.64
C GLN B 117 -3.57 34.76 -51.24
N ALA B 118 -4.34 35.84 -51.18
CA ALA B 118 -4.75 36.43 -49.90
C ALA B 118 -5.40 35.49 -48.89
N THR B 119 -6.03 34.41 -49.36
CA THR B 119 -6.67 33.39 -48.50
C THR B 119 -5.77 32.26 -48.04
N ARG B 120 -4.70 32.01 -48.80
CA ARG B 120 -3.83 30.85 -48.52
C ARG B 120 -3.34 30.84 -47.08
N GLY B 121 -2.97 32.03 -46.60
CA GLY B 121 -2.45 32.24 -45.25
C GLY B 121 -3.49 31.96 -44.19
N PRO B 122 -4.46 32.87 -44.01
CA PRO B 122 -5.44 32.68 -42.94
C PRO B 122 -6.41 31.51 -43.10
N CYS B 123 -6.72 31.09 -44.35
CA CYS B 123 -7.60 29.91 -44.53
C CYS B 123 -6.81 28.60 -44.64
N ALA B 124 -5.76 28.46 -43.83
CA ALA B 124 -4.88 27.29 -43.84
C ALA B 124 -5.58 26.07 -43.28
N ILE B 125 -6.63 26.26 -42.46
CA ILE B 125 -7.48 25.15 -42.01
C ILE B 125 -8.04 24.31 -43.13
N VAL B 126 -8.28 24.94 -44.28
CA VAL B 126 -8.86 24.27 -45.43
C VAL B 126 -7.88 23.25 -45.97
N GLU B 127 -6.61 23.64 -46.13
CA GLU B 127 -5.62 22.71 -46.66
C GLU B 127 -5.24 21.61 -45.69
N ARG B 128 -5.45 21.86 -44.39
CA ARG B 128 -5.19 20.88 -43.34
C ARG B 128 -6.34 19.86 -43.20
N GLU B 129 -7.60 20.29 -43.38
CA GLU B 129 -8.75 19.37 -43.16
C GLU B 129 -9.23 18.58 -44.35
N ARG B 130 -9.52 19.24 -45.46
CA ARG B 130 -9.95 18.56 -46.70
C ARG B 130 -9.12 18.92 -47.93
N GLY B 131 -8.14 19.81 -47.79
CA GLY B 131 -7.38 20.30 -48.94
C GLY B 131 -8.17 21.27 -49.81
N TRP B 132 -7.45 22.17 -50.47
CA TRP B 132 -8.05 23.11 -51.42
C TRP B 132 -8.41 22.34 -52.68
N PRO B 133 -9.65 22.49 -53.18
CA PRO B 133 -9.93 21.88 -54.48
C PRO B 133 -9.04 22.47 -55.58
N ASP B 134 -8.73 21.64 -56.59
CA ASP B 134 -7.96 22.00 -57.81
C ASP B 134 -8.22 23.43 -58.33
N PHE B 135 -9.51 23.79 -58.40
CA PHE B 135 -9.98 25.06 -58.95
C PHE B 135 -9.92 26.25 -57.99
N LEU B 136 -9.58 25.98 -56.74
CA LEU B 136 -9.33 27.02 -55.75
C LEU B 136 -7.85 27.09 -55.35
N ARG B 137 -6.97 26.35 -56.03
CA ARG B 137 -5.54 26.51 -55.88
C ARG B 137 -5.10 27.63 -56.81
N CYS B 138 -4.18 28.50 -56.40
CA CYS B 138 -3.78 29.61 -57.30
C CYS B 138 -2.55 29.24 -58.14
N THR B 139 -2.02 28.02 -57.98
CA THR B 139 -0.83 27.56 -58.74
C THR B 139 -1.16 27.52 -60.25
N PRO B 140 -2.34 27.02 -60.65
CA PRO B 140 -2.75 26.94 -62.06
C PRO B 140 -3.07 28.29 -62.72
N ASP B 141 -3.23 28.26 -64.06
CA ASP B 141 -3.50 29.41 -64.95
C ASP B 141 -4.94 29.95 -64.83
N ARG B 142 -5.82 29.27 -64.10
CA ARG B 142 -7.24 29.71 -63.98
C ARG B 142 -7.31 31.12 -63.41
N PHE B 143 -6.48 31.47 -62.42
CA PHE B 143 -6.52 32.85 -61.87
C PHE B 143 -5.43 33.71 -62.51
N PRO B 144 -5.80 34.74 -63.32
CA PRO B 144 -4.84 35.64 -63.95
C PRO B 144 -4.13 36.52 -62.91
N GLU B 145 -2.89 36.91 -63.22
CA GLU B 145 -2.04 37.73 -62.31
C GLU B 145 -2.73 39.07 -61.99
N GLY B 146 -3.03 39.89 -63.00
CA GLY B 146 -3.60 41.21 -62.75
C GLY B 146 -4.96 41.32 -63.37
N CYS B 147 -6.02 41.04 -62.60
CA CYS B 147 -7.43 41.19 -63.04
C CYS B 147 -8.23 42.20 -62.24
N THR B 148 -9.15 42.87 -62.93
CA THR B 148 -10.10 43.79 -62.30
C THR B 148 -11.15 42.90 -61.65
N ASN B 149 -11.21 42.92 -60.32
CA ASN B 149 -12.23 42.22 -59.55
C ASN B 149 -13.48 43.04 -59.30
N GLU B 150 -14.60 42.48 -59.75
CA GLU B 150 -15.90 43.02 -59.49
C GLU B 150 -16.33 42.77 -58.04
N VAL B 151 -15.62 41.86 -57.35
CA VAL B 151 -15.85 41.60 -55.94
C VAL B 151 -15.22 42.69 -55.05
N GLN B 152 -14.26 43.46 -55.59
CA GLN B 152 -13.71 44.61 -54.87
C GLN B 152 -14.73 45.74 -54.76
N ASN B 153 -15.62 45.83 -55.75
CA ASN B 153 -16.77 46.73 -55.65
C ASN B 153 -17.90 46.25 -54.73
N ILE B 154 -17.88 44.98 -54.33
CA ILE B 154 -18.86 44.46 -53.37
C ILE B 154 -18.33 44.52 -51.95
N LYS B 155 -19.15 45.10 -51.08
CA LYS B 155 -18.85 45.23 -49.66
C LYS B 155 -19.31 43.96 -48.93
N PHE B 156 -18.38 43.24 -48.29
CA PHE B 156 -18.72 42.07 -47.46
C PHE B 156 -18.70 42.48 -46.00
N ASN B 157 -19.89 42.82 -45.53
CA ASN B 157 -20.16 43.35 -44.20
C ASN B 157 -19.85 42.32 -43.10
N SER B 158 -19.95 41.03 -43.43
CA SER B 158 -19.75 39.99 -42.43
C SER B 158 -18.29 39.87 -42.02
N SER B 159 -18.06 40.10 -40.75
CA SER B 159 -16.80 39.82 -40.08
C SER B 159 -17.01 38.49 -39.32
N GLY B 160 -15.97 37.81 -38.90
CA GLY B 160 -16.16 36.52 -38.23
C GLY B 160 -16.48 36.67 -36.75
N GLN B 161 -17.06 35.60 -36.19
CA GLN B 161 -17.44 35.56 -34.78
C GLN B 161 -17.09 34.18 -34.20
N CYS B 162 -16.40 34.11 -33.05
CA CYS B 162 -15.82 32.82 -32.59
C CYS B 162 -16.90 32.00 -31.95
N GLU B 163 -16.99 30.73 -32.34
CA GLU B 163 -18.00 29.80 -31.86
C GLU B 163 -17.50 29.11 -30.60
N VAL B 164 -18.42 28.79 -29.69
CA VAL B 164 -18.11 28.13 -28.44
C VAL B 164 -17.32 26.84 -28.73
N PRO B 165 -16.23 26.60 -28.00
CA PRO B 165 -15.83 27.33 -26.78
C PRO B 165 -14.80 28.44 -26.98
N LEU B 166 -14.63 28.89 -28.23
CA LEU B 166 -13.65 29.92 -28.53
C LEU B 166 -14.24 31.28 -28.29
N VAL B 167 -13.37 32.20 -27.95
CA VAL B 167 -13.76 33.55 -27.62
C VAL B 167 -12.95 34.45 -28.56
N ARG B 168 -13.52 35.59 -28.91
CA ARG B 168 -12.93 36.53 -29.86
C ARG B 168 -11.75 37.26 -29.23
N THR B 169 -10.59 37.24 -29.89
CA THR B 169 -9.40 37.94 -29.37
C THR B 169 -8.54 38.35 -30.54
N ASP B 170 -7.89 39.50 -30.42
CA ASP B 170 -7.00 39.99 -31.49
C ASP B 170 -5.51 39.73 -31.21
N ASN B 171 -5.18 39.23 -30.00
CA ASN B 171 -3.80 38.87 -29.65
C ASN B 171 -3.39 37.51 -30.30
N PRO B 172 -2.30 37.46 -31.12
CA PRO B 172 -1.91 36.21 -31.81
C PRO B 172 -1.32 35.12 -30.95
N LYS B 173 -0.93 35.48 -29.74
CA LYS B 173 -0.42 34.53 -28.77
C LYS B 173 -1.56 33.70 -28.13
N SER B 174 -2.80 34.15 -28.26
CA SER B 174 -3.95 33.48 -27.67
C SER B 174 -4.68 32.57 -28.66
N TRP B 175 -4.27 32.59 -29.93
CA TRP B 175 -5.05 31.90 -30.98
C TRP B 175 -4.92 30.40 -30.93
N TYR B 176 -6.01 29.69 -31.21
CA TYR B 176 -6.05 28.24 -31.14
C TYR B 176 -5.74 27.57 -32.48
N GLU B 177 -4.58 26.97 -32.60
CA GLU B 177 -4.16 26.26 -33.80
C GLU B 177 -4.32 27.12 -35.10
N ASP B 178 -4.81 26.50 -36.17
CA ASP B 178 -5.03 27.19 -37.44
C ASP B 178 -6.16 28.26 -37.37
N VAL B 179 -7.20 28.06 -36.57
CA VAL B 179 -8.21 29.12 -36.33
C VAL B 179 -7.51 30.38 -35.82
N GLU B 180 -7.68 31.52 -36.44
CA GLU B 180 -6.95 32.73 -36.03
C GLU B 180 -8.03 33.74 -35.73
N GLY B 181 -7.89 34.47 -34.64
CA GLY B 181 -8.89 35.41 -34.14
C GLY B 181 -9.65 34.83 -32.98
N CYS B 182 -9.47 33.54 -32.72
CA CYS B 182 -10.19 32.84 -31.65
C CYS B 182 -9.25 32.14 -30.67
N GLY B 183 -9.45 32.34 -29.36
CA GLY B 183 -8.72 31.55 -28.35
C GLY B 183 -9.68 30.74 -27.49
N ILE B 184 -9.16 29.76 -26.75
CA ILE B 184 -10.01 28.94 -25.88
C ILE B 184 -10.44 29.80 -24.70
N GLN B 185 -11.69 29.69 -24.30
CA GLN B 185 -12.17 30.45 -23.16
C GLN B 185 -11.43 30.02 -21.89
N CYS B 186 -11.19 30.99 -21.00
CA CYS B 186 -10.46 30.80 -19.75
C CYS B 186 -10.97 29.63 -18.90
N GLN B 187 -12.29 29.55 -18.77
CA GLN B 187 -12.92 28.46 -18.05
C GLN B 187 -12.93 27.21 -18.93
N ASN B 188 -12.23 26.17 -18.47
CA ASN B 188 -12.02 24.92 -19.19
C ASN B 188 -13.31 24.40 -19.85
N PRO B 189 -13.37 24.43 -21.20
CA PRO B 189 -14.56 23.97 -21.91
C PRO B 189 -14.87 22.49 -21.79
N LEU B 190 -13.87 21.70 -21.45
CA LEU B 190 -14.06 20.27 -21.31
C LEU B 190 -14.86 19.87 -20.05
N PHE B 191 -15.08 20.80 -19.11
CA PHE B 191 -15.77 20.48 -17.83
C PHE B 191 -16.79 21.53 -17.46
N THR B 192 -17.93 21.06 -16.95
CA THR B 192 -19.05 21.94 -16.60
C THR B 192 -18.72 22.81 -15.37
N GLU B 193 -19.55 23.82 -15.10
CA GLU B 193 -19.42 24.64 -13.88
C GLU B 193 -19.64 23.77 -12.61
N ALA B 194 -20.58 22.83 -12.69
CA ALA B 194 -20.84 21.87 -11.60
C ALA B 194 -19.58 21.10 -11.25
N GLU B 195 -18.85 20.71 -12.29
CA GLU B 195 -17.60 19.98 -12.13
C GLU B 195 -16.45 20.84 -11.61
N HIS B 196 -16.41 22.11 -12.00
CA HIS B 196 -15.45 23.07 -11.45
C HIS B 196 -15.62 23.28 -9.93
N GLN B 197 -16.82 23.66 -9.47
CA GLN B 197 -17.04 23.90 -8.02
C GLN B 197 -16.80 22.65 -7.16
N ASP B 198 -17.10 21.48 -7.72
CA ASP B 198 -16.89 20.19 -7.07
C ASP B 198 -15.39 19.90 -6.91
N MET B 199 -14.63 20.11 -7.97
CA MET B 199 -13.16 19.96 -7.90
C MET B 199 -12.52 21.05 -7.00
N HIS B 200 -13.10 22.24 -7.00
CA HIS B 200 -12.64 23.33 -6.12
C HIS B 200 -12.96 23.05 -4.64
N SER B 201 -14.14 22.50 -4.36
CA SER B 201 -14.47 22.03 -3.00
C SER B 201 -13.44 21.02 -2.54
N TYR B 202 -13.15 20.06 -3.40
CA TYR B 202 -12.18 19.01 -3.13
C TYR B 202 -10.80 19.61 -2.90
N ILE B 203 -10.37 20.53 -3.76
CA ILE B 203 -9.05 21.18 -3.58
C ILE B 203 -8.99 21.98 -2.29
N ALA B 204 -10.09 22.68 -1.96
CA ALA B 204 -10.16 23.43 -0.69
C ALA B 204 -9.97 22.57 0.54
N ALA B 205 -10.73 21.49 0.62
CA ALA B 205 -10.64 20.55 1.76
C ALA B 205 -9.23 20.05 1.97
N PHE B 206 -8.63 19.44 0.96
CA PHE B 206 -7.29 18.89 1.08
C PHE B 206 -6.22 19.97 1.26
N GLY B 207 -6.26 21.03 0.47
CA GLY B 207 -5.33 22.16 0.68
C GLY B 207 -5.28 22.77 2.10
N ALA B 208 -6.46 23.02 2.68
CA ALA B 208 -6.57 23.65 4.02
C ALA B 208 -6.12 22.71 5.16
N VAL B 209 -6.63 21.48 5.14
CA VAL B 209 -6.22 20.46 6.09
C VAL B 209 -4.70 20.24 6.03
N THR B 210 -4.16 20.05 4.82
CA THR B 210 -2.69 19.91 4.67
C THR B 210 -1.96 21.18 5.12
N GLY B 211 -2.56 22.34 4.85
CA GLY B 211 -2.00 23.61 5.34
C GLY B 211 -1.93 23.72 6.87
N LEU B 212 -2.97 23.26 7.54
CA LEU B 212 -3.05 23.25 9.01
C LEU B 212 -2.15 22.18 9.64
N CYS B 213 -2.20 20.97 9.09
CA CYS B 213 -1.34 19.90 9.55
C CYS B 213 0.15 20.23 9.44
N THR B 214 0.57 20.69 8.26
CA THR B 214 1.96 21.04 8.03
C THR B 214 2.43 22.21 8.88
N LEU B 215 1.59 23.22 9.04
CA LEU B 215 1.94 24.39 9.85
C LEU B 215 2.12 24.00 11.32
N PHE B 216 1.20 23.21 11.85
CA PHE B 216 1.26 22.68 13.21
C PHE B 216 2.56 21.93 13.42
N THR B 217 2.88 21.10 12.44
CA THR B 217 4.09 20.28 12.46
C THR B 217 5.36 21.12 12.28
N LEU B 218 5.31 22.20 11.52
CA LEU B 218 6.42 23.11 11.41
C LEU B 218 6.63 23.90 12.70
N ALA B 219 5.51 24.25 13.34
CA ALA B 219 5.48 25.05 14.58
C ALA B 219 6.11 24.33 15.76
N THR B 220 5.90 23.01 15.84
CA THR B 220 6.52 22.19 16.88
C THR B 220 8.02 22.10 16.71
N PHE B 221 8.50 22.13 15.47
CA PHE B 221 9.93 22.08 15.20
C PHE B 221 10.62 23.36 15.66
N VAL B 222 10.01 24.51 15.34
CA VAL B 222 10.58 25.81 15.71
C VAL B 222 10.48 26.08 17.22
N ALA B 223 9.42 25.55 17.84
CA ALA B 223 9.23 25.66 19.30
C ALA B 223 10.34 24.94 20.07
N ASP B 224 10.72 23.77 19.60
CA ASP B 224 11.80 22.96 20.18
C ASP B 224 13.00 22.88 19.20
N TRP B 225 13.29 24.00 18.50
CA TRP B 225 14.38 24.10 17.49
C TRP B 225 15.79 23.58 17.90
N ARG B 226 16.20 23.78 19.16
CA ARG B 226 17.51 23.30 19.66
C ARG B 226 17.68 21.79 19.55
N ASN B 227 16.63 21.05 19.93
CA ASN B 227 16.59 19.59 19.80
C ASN B 227 16.05 19.09 18.41
N SER B 228 15.16 19.88 17.80
CA SER B 228 14.50 19.50 16.56
C SER B 228 15.48 19.40 15.41
N ASN B 229 16.31 20.45 15.24
CA ASN B 229 17.18 20.58 14.06
C ASN B 229 18.34 19.57 14.10
N ARG B 230 18.02 18.28 13.99
CA ARG B 230 19.00 17.22 14.11
C ARG B 230 18.55 16.04 13.27
N TYR B 231 19.41 15.60 12.36
CA TYR B 231 19.09 14.51 11.41
C TYR B 231 18.81 13.20 12.15
N PRO B 232 17.88 12.37 11.68
CA PRO B 232 17.03 12.57 10.51
C PRO B 232 15.71 13.32 10.75
N ALA B 233 15.33 13.60 12.01
CA ALA B 233 14.05 14.28 12.30
C ALA B 233 13.89 15.63 11.58
N VAL B 234 14.99 16.35 11.35
CA VAL B 234 14.97 17.63 10.62
C VAL B 234 14.58 17.49 9.14
N ILE B 235 14.86 16.35 8.52
CA ILE B 235 14.44 16.12 7.14
C ILE B 235 12.93 16.34 7.02
N LEU B 236 12.17 15.86 8.00
CA LEU B 236 10.72 15.99 7.96
C LEU B 236 10.23 17.42 8.14
N PHE B 237 11.03 18.23 8.80
CA PHE B 237 10.74 19.65 8.88
C PHE B 237 10.77 20.32 7.49
N TYR B 238 11.87 20.08 6.76
CA TYR B 238 12.02 20.54 5.36
C TYR B 238 10.99 19.95 4.42
N VAL B 239 10.72 18.66 4.60
CA VAL B 239 9.59 18.05 3.90
C VAL B 239 8.28 18.77 4.16
N ASN B 240 7.95 18.99 5.43
CA ASN B 240 6.69 19.69 5.78
C ASN B 240 6.66 21.14 5.27
N ALA B 241 7.83 21.79 5.26
CA ALA B 241 7.96 23.15 4.68
C ALA B 241 7.54 23.20 3.20
N CYS B 242 8.03 22.23 2.43
CA CYS B 242 7.67 22.08 1.02
C CYS B 242 6.18 21.91 0.80
N PHE B 243 5.56 21.02 1.57
CA PHE B 243 4.10 20.82 1.48
C PHE B 243 3.33 22.02 2.04
N PHE B 244 3.92 22.77 2.96
CA PHE B 244 3.26 24.01 3.43
C PHE B 244 3.28 25.13 2.38
N VAL B 245 4.47 25.36 1.81
CA VAL B 245 4.63 26.39 0.77
C VAL B 245 3.76 26.01 -0.43
N GLY B 246 3.81 24.73 -0.84
CA GLY B 246 2.94 24.22 -1.91
C GLY B 246 1.46 24.49 -1.71
N SER B 247 0.99 24.26 -0.49
CA SER B 247 -0.41 24.47 -0.15
C SER B 247 -0.85 25.92 -0.26
N ILE B 248 0.07 26.84 0.02
CA ILE B 248 -0.24 28.26 -0.13
C ILE B 248 -0.54 28.56 -1.61
N GLY B 249 0.38 28.12 -2.47
CA GLY B 249 0.19 28.21 -3.91
C GLY B 249 -1.12 27.60 -4.40
N TRP B 250 -1.51 26.46 -3.83
CA TRP B 250 -2.80 25.83 -4.17
C TRP B 250 -4.01 26.54 -3.59
N LEU B 251 -3.87 27.20 -2.44
CA LEU B 251 -5.01 27.87 -1.80
C LEU B 251 -5.19 29.31 -2.28
N ALA B 252 -4.14 29.90 -2.89
CA ALA B 252 -4.21 31.25 -3.55
C ALA B 252 -5.51 31.56 -4.32
N GLN B 253 -5.84 30.70 -5.27
CA GLN B 253 -7.08 30.78 -6.06
C GLN B 253 -8.38 31.09 -5.32
N PHE B 254 -8.47 30.72 -4.04
CA PHE B 254 -9.69 30.91 -3.27
C PHE B 254 -9.87 32.32 -2.71
N MET B 255 -8.83 33.16 -2.81
CA MET B 255 -8.98 34.59 -2.52
C MET B 255 -9.83 35.28 -3.59
N ASP B 256 -10.57 36.30 -3.16
CA ASP B 256 -11.49 37.01 -4.04
C ASP B 256 -10.79 37.51 -5.30
N GLY B 257 -11.21 36.95 -6.44
CA GLY B 257 -10.80 37.38 -7.76
C GLY B 257 -9.45 36.84 -8.19
N ALA B 258 -8.88 35.92 -7.40
CA ALA B 258 -7.50 35.50 -7.65
C ALA B 258 -7.47 34.45 -8.76
N ARG B 259 -8.41 33.49 -8.69
CA ARG B 259 -8.43 32.40 -9.66
C ARG B 259 -8.44 32.91 -11.08
N ARG B 260 -9.25 33.95 -11.32
CA ARG B 260 -9.31 34.62 -12.65
C ARG B 260 -8.04 35.40 -12.98
N GLU B 261 -7.37 35.96 -11.96
CA GLU B 261 -6.08 36.69 -12.17
C GLU B 261 -4.92 35.72 -12.54
N ILE B 262 -4.96 34.51 -11.94
CA ILE B 262 -3.93 33.50 -12.16
C ILE B 262 -4.13 32.71 -13.46
N VAL B 263 -5.36 32.29 -13.73
CA VAL B 263 -5.65 31.37 -14.86
C VAL B 263 -5.99 32.06 -16.20
N CYS B 264 -6.76 33.16 -16.13
CA CYS B 264 -7.22 33.87 -17.35
C CYS B 264 -6.22 34.94 -17.82
N ARG B 265 -6.22 35.17 -19.14
CA ARG B 265 -5.46 36.25 -19.75
C ARG B 265 -6.27 37.55 -19.66
N ALA B 266 -5.68 38.66 -20.12
CA ALA B 266 -6.40 39.94 -20.20
C ALA B 266 -7.62 39.82 -21.14
N ASP B 267 -7.43 39.17 -22.29
CA ASP B 267 -8.53 39.00 -23.25
C ASP B 267 -9.66 38.06 -22.83
N GLY B 268 -9.36 37.12 -21.94
CA GLY B 268 -10.39 36.17 -21.47
C GLY B 268 -10.20 34.78 -21.99
N THR B 269 -9.05 34.54 -22.62
CA THR B 269 -8.62 33.20 -22.98
C THR B 269 -7.78 32.63 -21.82
N MET B 270 -7.46 31.34 -21.92
CA MET B 270 -6.68 30.63 -20.90
C MET B 270 -5.27 31.16 -20.98
N ARG B 271 -4.53 31.18 -19.86
CA ARG B 271 -3.12 31.56 -19.95
C ARG B 271 -2.30 30.42 -20.44
N LEU B 272 -1.51 30.67 -21.49
CA LEU B 272 -0.67 29.65 -22.09
C LEU B 272 0.66 30.30 -22.44
N GLY B 273 1.75 29.53 -22.37
CA GLY B 273 3.09 30.08 -22.58
C GLY B 273 3.34 31.32 -21.69
N GLU B 274 3.14 31.17 -20.39
CA GLU B 274 2.82 32.30 -19.48
C GLU B 274 3.84 33.38 -19.30
N PRO B 275 5.15 33.05 -19.40
CA PRO B 275 6.12 34.19 -19.37
C PRO B 275 6.14 34.89 -20.75
N THR B 276 5.14 35.75 -20.95
CA THR B 276 4.97 36.50 -22.18
C THR B 276 4.57 37.92 -21.89
N SER B 277 4.79 38.71 -22.93
CA SER B 277 4.68 40.15 -22.90
C SER B 277 3.24 40.58 -22.75
N ASN B 278 3.02 41.69 -22.03
CA ASN B 278 1.67 42.27 -21.81
C ASN B 278 0.81 41.46 -20.83
N GLU B 279 1.43 40.59 -20.01
CA GLU B 279 0.70 39.80 -18.98
C GLU B 279 1.38 39.85 -17.63
N THR B 280 0.56 39.79 -16.58
CA THR B 280 1.03 39.93 -15.19
C THR B 280 1.77 38.66 -14.72
N LEU B 281 2.46 38.81 -13.60
CA LEU B 281 3.25 37.72 -13.04
C LEU B 281 2.47 36.71 -12.21
N SER B 282 1.21 37.00 -11.91
CA SER B 282 0.41 36.12 -11.03
C SER B 282 0.40 34.63 -11.39
N CYS B 283 0.48 34.31 -12.69
CA CYS B 283 0.55 32.93 -13.13
C CYS B 283 1.95 32.31 -12.89
N VAL B 284 2.99 32.99 -13.34
CA VAL B 284 4.36 32.50 -13.06
C VAL B 284 4.73 32.42 -11.57
N ILE B 285 4.25 33.38 -10.78
CA ILE B 285 4.43 33.34 -9.32
C ILE B 285 3.86 32.05 -8.73
N ILE B 286 2.57 31.81 -9.03
CA ILE B 286 1.88 30.61 -8.55
C ILE B 286 2.53 29.33 -9.13
N PHE B 287 2.96 29.38 -10.38
CA PHE B 287 3.68 28.26 -10.93
C PHE B 287 4.92 27.97 -10.11
N VAL B 288 5.76 28.99 -9.89
CA VAL B 288 7.03 28.74 -9.12
C VAL B 288 6.73 28.21 -7.71
N ILE B 289 5.85 28.92 -6.97
CA ILE B 289 5.49 28.49 -5.60
C ILE B 289 5.16 27.01 -5.62
N VAL B 290 4.29 26.57 -6.52
CA VAL B 290 3.86 25.18 -6.53
C VAL B 290 4.93 24.22 -7.06
N TYR B 291 5.48 24.47 -8.24
CA TYR B 291 6.39 23.52 -8.87
C TYR B 291 7.71 23.42 -8.12
N TYR B 292 8.27 24.56 -7.69
CA TYR B 292 9.54 24.49 -6.90
C TYR B 292 9.31 23.69 -5.62
N ALA B 293 8.25 24.05 -4.90
CA ALA B 293 7.91 23.35 -3.65
C ALA B 293 7.67 21.86 -3.87
N LEU B 294 6.98 21.53 -4.96
CA LEU B 294 6.79 20.11 -5.35
C LEU B 294 8.10 19.39 -5.66
N MET B 295 8.91 19.94 -6.54
CA MET B 295 10.20 19.31 -6.84
C MET B 295 11.20 19.25 -5.66
N ALA B 296 11.25 20.26 -4.81
CA ALA B 296 12.10 20.18 -3.61
C ALA B 296 11.64 19.08 -2.64
N GLY B 297 10.32 18.98 -2.48
CA GLY B 297 9.72 17.96 -1.65
C GLY B 297 10.02 16.54 -2.13
N PHE B 298 10.16 16.35 -3.44
CA PHE B 298 10.53 15.07 -3.98
C PHE B 298 11.97 14.70 -3.74
N VAL B 299 12.86 15.67 -3.82
CA VAL B 299 14.26 15.38 -3.51
C VAL B 299 14.50 15.23 -2.00
N TRP B 300 13.78 16.02 -1.19
CA TRP B 300 13.81 15.80 0.27
C TRP B 300 13.28 14.43 0.66
N PHE B 301 12.35 13.89 -0.13
CA PHE B 301 11.92 12.50 0.04
C PHE B 301 13.08 11.51 -0.24
N VAL B 302 13.84 11.75 -1.29
CA VAL B 302 14.94 10.86 -1.58
C VAL B 302 15.97 10.96 -0.47
N VAL B 303 16.19 12.19 0.00
CA VAL B 303 17.11 12.40 1.16
C VAL B 303 16.62 11.63 2.41
N LEU B 304 15.30 11.58 2.59
CA LEU B 304 14.72 10.72 3.64
C LEU B 304 15.03 9.21 3.42
N THR B 305 14.88 8.72 2.21
CA THR B 305 15.17 7.32 1.94
C THR B 305 16.64 7.05 2.13
N TYR B 306 17.47 8.00 1.74
CA TYR B 306 18.92 7.84 1.93
C TYR B 306 19.29 7.81 3.41
N ALA B 307 18.63 8.71 4.16
CA ALA B 307 18.84 8.74 5.60
C ALA B 307 18.52 7.41 6.26
N TRP B 308 17.44 6.80 5.82
CA TRP B 308 17.01 5.50 6.31
C TRP B 308 17.99 4.43 5.95
N HIS B 309 18.49 4.49 4.75
CA HIS B 309 19.42 3.50 4.27
C HIS B 309 20.75 3.57 5.00
N THR B 310 21.24 4.79 5.24
CA THR B 310 22.51 4.93 5.96
C THR B 310 22.37 4.87 7.48
N SER B 311 21.15 4.92 8.00
CA SER B 311 20.96 4.82 9.44
C SER B 311 21.45 3.47 9.98
N PHE B 312 21.28 2.44 9.16
CA PHE B 312 21.70 1.09 9.54
C PHE B 312 23.21 0.89 9.56
N LYS B 313 23.94 1.66 8.78
CA LYS B 313 25.41 1.54 8.75
C LYS B 313 25.98 2.08 10.06
N ALA B 314 25.22 2.98 10.71
CA ALA B 314 25.57 3.58 11.98
C ALA B 314 25.69 2.55 13.11
N LEU B 315 24.94 1.46 13.07
CA LEU B 315 25.16 0.37 14.07
C LEU B 315 26.39 -0.53 13.85
N GLY B 316 26.60 -0.99 12.62
CA GLY B 316 27.80 -1.74 12.22
C GLY B 316 29.13 -0.95 12.29
N THR B 317 30.04 -1.37 13.18
CA THR B 317 31.39 -0.75 13.42
C THR B 317 31.34 0.79 13.71
N THR B 318 32.01 1.66 12.93
CA THR B 318 32.09 3.08 13.31
C THR B 318 30.79 3.82 12.96
N TYR B 319 30.44 4.78 13.81
CA TYR B 319 29.19 5.56 13.69
C TYR B 319 29.30 6.47 12.46
N GLN B 320 28.27 6.45 11.63
CA GLN B 320 28.29 7.19 10.33
C GLN B 320 27.30 8.33 10.38
N PRO B 321 27.79 9.61 10.52
CA PRO B 321 26.87 10.74 10.65
C PRO B 321 26.38 11.37 9.32
N LEU B 322 25.11 11.74 9.33
CA LEU B 322 24.45 12.50 8.30
C LEU B 322 24.65 14.01 8.52
N SER B 323 25.08 14.41 9.73
CA SER B 323 25.42 15.81 10.06
C SER B 323 26.49 16.48 9.18
N GLY B 324 27.43 15.67 8.67
CA GLY B 324 28.42 16.08 7.66
C GLY B 324 27.90 16.26 6.23
N LYS B 325 26.97 15.38 5.83
CA LYS B 325 26.31 15.45 4.52
C LYS B 325 25.23 16.54 4.35
N THR B 326 25.01 17.38 5.38
CA THR B 326 24.05 18.52 5.32
C THR B 326 24.29 19.48 4.14
N SER B 327 25.56 19.79 3.87
CA SER B 327 25.94 20.57 2.69
C SER B 327 25.46 19.96 1.37
N TYR B 328 25.68 18.66 1.19
CA TYR B 328 25.26 17.96 -0.04
C TYR B 328 23.74 17.94 -0.17
N PHE B 329 23.02 17.81 0.95
CA PHE B 329 21.54 17.76 0.95
C PHE B 329 20.97 19.12 0.55
N HIS B 330 21.29 20.16 1.32
CA HIS B 330 20.84 21.53 1.00
C HIS B 330 21.24 22.05 -0.38
N LEU B 331 22.36 21.59 -0.90
CA LEU B 331 22.77 21.89 -2.27
C LEU B 331 21.77 21.30 -3.27
N LEU B 332 21.59 19.99 -3.23
CA LEU B 332 20.72 19.26 -4.17
C LEU B 332 19.26 19.64 -4.04
N THR B 333 18.79 19.75 -2.80
CA THR B 333 17.35 19.93 -2.55
C THR B 333 16.81 21.27 -2.93
N TRP B 334 17.65 22.29 -2.95
CA TRP B 334 17.22 23.66 -3.37
C TRP B 334 17.70 24.03 -4.78
N SER B 335 18.83 23.46 -5.19
CA SER B 335 19.46 23.78 -6.47
C SER B 335 18.75 23.06 -7.61
N LEU B 336 18.51 21.77 -7.48
CA LEU B 336 17.85 21.01 -8.55
C LEU B 336 16.45 21.52 -8.95
N PRO B 337 15.59 21.87 -7.97
CA PRO B 337 14.29 22.48 -8.38
C PRO B 337 14.46 23.82 -9.08
N PHE B 338 15.43 24.61 -8.61
CA PHE B 338 15.75 25.90 -9.23
C PHE B 338 16.11 25.74 -10.74
N VAL B 339 17.00 24.80 -11.04
CA VAL B 339 17.41 24.52 -12.44
C VAL B 339 16.18 24.14 -13.27
N LEU B 340 15.38 23.17 -12.81
CA LEU B 340 14.16 22.81 -13.52
C LEU B 340 13.16 23.97 -13.72
N THR B 341 12.94 24.75 -12.67
CA THR B 341 12.07 25.92 -12.75
C THR B 341 12.59 26.94 -13.76
N VAL B 342 13.85 27.29 -13.64
CA VAL B 342 14.47 28.24 -14.61
C VAL B 342 14.37 27.68 -16.01
N ALA B 343 14.78 26.43 -16.22
CA ALA B 343 14.66 25.77 -17.53
C ALA B 343 13.23 25.83 -18.09
N ILE B 344 12.24 25.53 -17.26
CA ILE B 344 10.83 25.68 -17.68
C ILE B 344 10.50 27.13 -18.06
N LEU B 345 10.89 28.08 -17.20
CA LEU B 345 10.60 29.49 -17.49
C LEU B 345 11.27 29.98 -18.77
N ALA B 346 12.46 29.47 -19.04
CA ALA B 346 13.20 29.81 -20.27
C ALA B 346 12.49 29.35 -21.55
N VAL B 347 12.07 28.07 -21.60
CA VAL B 347 11.25 27.59 -22.73
C VAL B 347 9.81 28.13 -22.69
N ALA B 348 9.40 28.71 -21.56
CA ALA B 348 8.12 29.40 -21.40
C ALA B 348 6.91 28.49 -21.61
N GLN B 349 6.76 27.51 -20.74
CA GLN B 349 5.77 26.46 -20.83
C GLN B 349 4.82 26.47 -19.63
N VAL B 350 4.67 27.61 -19.00
CA VAL B 350 3.79 27.74 -17.85
C VAL B 350 2.40 27.94 -18.42
N ASP B 351 1.44 27.10 -18.07
CA ASP B 351 0.09 27.26 -18.57
C ASP B 351 -0.87 27.23 -17.37
N GLY B 352 -2.03 27.87 -17.51
CA GLY B 352 -3.08 27.85 -16.46
C GLY B 352 -4.25 26.92 -16.76
N ASP B 353 -4.93 26.47 -15.70
CA ASP B 353 -6.10 25.57 -15.78
C ASP B 353 -7.10 25.98 -14.69
N SER B 354 -8.32 26.23 -15.10
CA SER B 354 -9.38 26.65 -14.21
C SER B 354 -9.89 25.59 -13.26
N VAL B 355 -9.76 24.29 -13.61
CA VAL B 355 -10.21 23.21 -12.68
C VAL B 355 -9.28 23.03 -11.49
N SER B 356 -7.98 23.00 -11.79
CA SER B 356 -6.93 22.94 -10.78
C SER B 356 -6.80 24.30 -10.07
N GLY B 357 -6.95 25.39 -10.80
CA GLY B 357 -6.87 26.73 -10.22
C GLY B 357 -5.46 27.22 -9.98
N ILE B 358 -4.49 26.60 -10.65
CA ILE B 358 -3.08 26.99 -10.54
C ILE B 358 -2.45 26.99 -11.92
N CYS B 359 -1.24 27.54 -12.01
CA CYS B 359 -0.47 27.48 -13.26
C CYS B 359 0.63 26.45 -13.13
N PHE B 360 0.89 25.68 -14.17
CA PHE B 360 1.85 24.58 -14.09
C PHE B 360 2.58 24.38 -15.40
N VAL B 361 3.63 23.58 -15.38
CA VAL B 361 4.34 23.24 -16.62
C VAL B 361 3.54 22.27 -17.49
N GLY B 362 3.69 22.42 -18.81
CA GLY B 362 3.20 21.44 -19.81
C GLY B 362 1.71 21.08 -19.85
N TYR B 363 0.85 22.00 -19.45
CA TYR B 363 -0.56 21.73 -19.48
C TYR B 363 -1.02 21.61 -20.94
N LYS B 364 -0.73 22.64 -21.73
CA LYS B 364 -1.01 22.63 -23.16
C LYS B 364 -0.09 21.65 -23.86
N ASN B 365 1.22 21.92 -23.81
CA ASN B 365 2.22 21.06 -24.46
C ASN B 365 2.65 19.91 -23.57
N TYR B 366 1.90 18.80 -23.69
CA TYR B 366 2.00 17.65 -22.80
C TYR B 366 3.35 16.97 -22.84
N ARG B 367 4.03 17.08 -23.96
CA ARG B 367 5.37 16.53 -24.10
C ARG B 367 6.38 17.19 -23.17
N TYR B 368 6.20 18.45 -22.80
CA TYR B 368 7.09 19.09 -21.82
C TYR B 368 6.81 18.60 -20.40
N ARG B 369 5.55 18.26 -20.13
CA ARG B 369 5.12 17.66 -18.87
C ARG B 369 5.84 16.33 -18.61
N ALA B 370 6.15 15.61 -19.69
CA ALA B 370 6.94 14.38 -19.63
C ALA B 370 8.33 14.58 -19.04
N GLY B 371 9.08 15.54 -19.58
CA GLY B 371 10.47 15.75 -19.17
C GLY B 371 10.70 16.65 -17.97
N PHE B 372 9.68 17.38 -17.54
CA PHE B 372 9.76 18.24 -16.35
C PHE B 372 8.86 17.79 -15.17
N VAL B 373 8.02 16.77 -15.36
CA VAL B 373 7.18 16.23 -14.27
C VAL B 373 7.43 14.73 -14.21
N LEU B 374 7.11 14.00 -15.28
CA LEU B 374 7.26 12.53 -15.31
C LEU B 374 8.68 12.04 -15.15
N ALA B 375 9.62 12.76 -15.70
CA ALA B 375 11.03 12.38 -15.56
C ALA B 375 11.50 12.48 -14.12
N PRO B 376 11.43 13.69 -13.49
CA PRO B 376 11.87 13.76 -12.10
C PRO B 376 11.15 12.79 -11.15
N ILE B 377 9.84 12.63 -11.30
CA ILE B 377 9.12 11.65 -10.49
C ILE B 377 9.57 10.18 -10.81
N GLY B 378 9.79 9.87 -12.09
CA GLY B 378 10.36 8.57 -12.49
C GLY B 378 11.69 8.32 -11.79
N LEU B 379 12.55 9.34 -11.83
CA LEU B 379 13.85 9.30 -11.13
C LEU B 379 13.70 9.15 -9.60
N VAL B 380 12.89 9.97 -8.94
CA VAL B 380 12.80 9.84 -7.46
C VAL B 380 12.20 8.48 -7.07
N LEU B 381 11.33 7.93 -7.93
CA LEU B 381 10.89 6.56 -7.70
C LEU B 381 12.02 5.54 -7.73
N ILE B 382 12.84 5.61 -8.77
CA ILE B 382 13.96 4.66 -8.91
C ILE B 382 14.99 4.85 -7.79
N VAL B 383 15.39 6.09 -7.57
CA VAL B 383 16.42 6.36 -6.56
C VAL B 383 15.89 6.10 -5.12
N GLY B 384 14.77 6.74 -4.78
CA GLY B 384 14.14 6.54 -3.45
C GLY B 384 13.78 5.09 -3.19
N GLY B 385 13.25 4.45 -4.23
CA GLY B 385 12.92 3.03 -4.18
C GLY B 385 14.15 2.16 -3.98
N TYR B 386 15.23 2.48 -4.70
CA TYR B 386 16.48 1.76 -4.44
C TYR B 386 16.88 1.83 -2.97
N PHE B 387 16.99 3.03 -2.42
CA PHE B 387 17.38 3.18 -1.00
C PHE B 387 16.40 2.57 -0.04
N LEU B 388 15.10 2.65 -0.34
CA LEU B 388 14.14 1.90 0.49
C LEU B 388 14.33 0.38 0.45
N ILE B 389 14.53 -0.19 -0.73
CA ILE B 389 14.77 -1.64 -0.83
C ILE B 389 16.11 -2.03 -0.17
N ARG B 390 17.17 -1.28 -0.48
CA ARG B 390 18.52 -1.55 0.05
C ARG B 390 18.58 -1.45 1.63
N GLY B 391 17.71 -0.61 2.21
CA GLY B 391 17.58 -0.54 3.67
C GLY B 391 16.91 -1.74 4.33
N VAL B 392 15.74 -2.16 3.83
CA VAL B 392 15.08 -3.37 4.42
C VAL B 392 15.94 -4.62 4.22
N MET B 393 16.70 -4.67 3.12
CA MET B 393 17.70 -5.72 2.90
C MET B 393 18.70 -5.78 4.06
N THR B 394 19.18 -4.60 4.45
CA THR B 394 20.11 -4.45 5.58
C THR B 394 19.44 -4.87 6.89
N LEU B 395 18.23 -4.36 7.14
CA LEU B 395 17.48 -4.81 8.35
C LEU B 395 17.23 -6.30 8.44
N PHE B 396 16.59 -6.86 7.42
CA PHE B 396 16.29 -8.29 7.38
C PHE B 396 17.54 -9.16 7.39
N SER B 397 18.60 -8.72 6.70
CA SER B 397 19.87 -9.49 6.76
C SER B 397 20.45 -9.55 8.18
N ALA B 398 20.56 -8.38 8.79
CA ALA B 398 21.01 -8.27 10.21
C ALA B 398 20.15 -9.07 11.16
N ARG B 399 18.85 -8.85 11.06
CA ARG B 399 17.87 -9.53 11.90
C ARG B 399 17.90 -11.05 11.70
N ARG B 400 18.14 -11.54 10.48
CA ARG B 400 18.29 -13.00 10.29
C ARG B 400 19.64 -13.55 10.72
N GLN B 401 20.73 -12.82 10.48
CA GLN B 401 22.04 -13.31 10.96
C GLN B 401 22.17 -13.55 12.47
N LEU B 402 21.57 -12.67 13.25
CA LEU B 402 21.49 -12.89 14.69
C LEU B 402 20.60 -14.05 15.00
N ALA B 403 19.42 -14.09 14.40
CA ALA B 403 18.46 -15.17 14.63
C ALA B 403 19.07 -16.53 14.36
N ASP B 404 19.79 -16.64 13.26
CA ASP B 404 20.51 -17.86 12.95
C ASP B 404 21.56 -18.23 13.95
N LEU B 405 22.28 -17.24 14.44
CA LEU B 405 23.28 -17.46 15.48
C LEU B 405 22.68 -17.93 16.76
N GLU B 406 21.59 -17.28 17.13
CA GLU B 406 20.90 -17.58 18.33
C GLU B 406 20.42 -19.01 18.29
N ASP B 407 19.98 -19.42 17.10
CA ASP B 407 19.45 -20.76 16.84
C ASP B 407 20.50 -21.81 16.98
N ASN B 408 21.65 -21.52 16.41
CA ASN B 408 22.78 -22.41 16.55
C ASN B 408 23.28 -22.50 18.00
N TRP B 409 23.34 -21.36 18.66
CA TRP B 409 23.78 -21.35 20.02
C TRP B 409 22.78 -22.12 20.85
N GLU B 410 21.48 -21.99 20.55
CA GLU B 410 20.47 -22.74 21.29
C GLU B 410 20.54 -24.21 21.00
N THR B 411 20.90 -24.56 19.75
CA THR B 411 21.19 -25.98 19.37
C THR B 411 22.33 -26.57 20.13
N LEU B 412 23.42 -25.78 20.31
CA LEU B 412 24.57 -26.25 21.13
C LEU B 412 24.21 -26.56 22.56
N ASN B 413 23.49 -25.65 23.19
CA ASN B 413 23.12 -25.81 24.59
C ASN B 413 22.15 -26.94 24.86
N ASP B 414 21.23 -27.12 23.91
CA ASP B 414 20.24 -28.20 24.01
C ASP B 414 20.90 -29.58 23.87
N ASN B 415 21.79 -29.69 22.91
CA ASN B 415 22.53 -30.92 22.75
C ASN B 415 23.56 -31.20 23.85
N LEU B 416 24.06 -30.14 24.53
CA LEU B 416 24.88 -30.39 25.70
C LEU B 416 24.07 -31.07 26.81
N LYS B 417 22.82 -30.67 27.00
CA LYS B 417 21.94 -31.34 27.99
C LYS B 417 21.75 -32.81 27.70
N VAL B 418 21.57 -33.12 26.44
CA VAL B 418 21.42 -34.49 25.98
C VAL B 418 22.64 -35.34 26.33
N ILE B 419 23.82 -34.78 26.09
CA ILE B 419 25.07 -35.49 26.32
C ILE B 419 25.26 -35.70 27.78
N GLU B 420 24.94 -34.67 28.55
CA GLU B 420 24.99 -34.78 30.01
C GLU B 420 24.18 -36.01 30.52
N LYS B 421 22.96 -36.14 30.04
CA LYS B 421 22.00 -37.17 30.45
C LYS B 421 22.22 -38.56 29.82
N ALA B 422 22.92 -38.59 28.70
CA ALA B 422 23.17 -39.82 27.92
C ALA B 422 23.60 -41.07 28.68
N ASP B 423 22.80 -42.14 28.52
CA ASP B 423 23.20 -43.49 28.97
C ASP B 423 24.12 -44.21 27.97
N ASN B 424 24.35 -43.71 26.76
CA ASN B 424 25.08 -44.44 25.75
C ASN B 424 25.64 -43.61 24.58
N ALA B 425 26.50 -44.26 23.79
CA ALA B 425 27.31 -43.59 22.78
C ALA B 425 26.56 -43.06 21.59
N ALA B 426 25.52 -43.79 21.22
CA ALA B 426 24.68 -43.43 20.08
C ALA B 426 24.02 -42.15 20.31
N GLN B 427 23.58 -41.93 21.54
CA GLN B 427 23.04 -40.63 21.97
C GLN B 427 24.06 -39.55 21.86
N VAL B 428 25.26 -39.84 22.33
CA VAL B 428 26.31 -38.86 22.41
C VAL B 428 26.77 -38.46 21.05
N LYS B 429 26.96 -39.43 20.18
CA LYS B 429 27.47 -39.20 18.85
C LYS B 429 26.51 -38.27 18.08
N ASP B 430 25.21 -38.54 18.23
CA ASP B 430 24.13 -37.81 17.56
C ASP B 430 24.12 -36.38 17.99
N ALA B 431 24.05 -36.16 19.29
CA ALA B 431 24.08 -34.81 19.82
C ALA B 431 25.35 -34.03 19.42
N LEU B 432 26.50 -34.71 19.32
CA LEU B 432 27.75 -34.04 18.93
C LEU B 432 27.78 -33.74 17.48
N THR B 433 27.28 -34.64 16.63
CA THR B 433 27.28 -34.32 15.18
C THR B 433 26.40 -33.10 14.93
N LYS B 434 25.34 -32.98 15.70
CA LYS B 434 24.49 -31.81 15.61
C LYS B 434 25.18 -30.56 16.08
N MET B 435 25.93 -30.70 17.16
CA MET B 435 26.70 -29.58 17.74
C MET B 435 27.74 -29.10 16.79
N ARG B 436 28.32 -30.06 16.06
CA ARG B 436 29.37 -29.72 15.10
C ARG B 436 28.83 -28.79 14.01
N ALA B 437 27.69 -29.23 13.47
CA ALA B 437 27.02 -28.63 12.35
C ALA B 437 26.63 -27.27 12.70
N ALA B 438 26.12 -27.08 13.90
CA ALA B 438 25.70 -25.74 14.44
C ALA B 438 26.87 -24.82 14.64
N ALA B 439 28.01 -25.37 15.04
CA ALA B 439 29.18 -24.57 15.26
C ALA B 439 29.80 -24.14 13.96
N LEU B 440 29.82 -25.04 12.96
CA LEU B 440 30.31 -24.66 11.61
C LEU B 440 29.50 -23.57 10.88
N ASP B 441 28.17 -23.64 11.02
CA ASP B 441 27.25 -22.59 10.56
C ASP B 441 27.39 -21.33 11.30
N ALA B 442 27.50 -21.39 12.61
CA ALA B 442 27.62 -20.18 13.43
C ALA B 442 28.89 -19.50 13.06
N GLN B 443 29.92 -20.31 12.74
CA GLN B 443 31.21 -19.79 12.26
C GLN B 443 31.09 -18.98 10.99
N LYS B 444 30.18 -19.37 10.09
CA LYS B 444 29.94 -18.62 8.82
C LYS B 444 29.32 -17.23 8.96
N ALA B 445 28.55 -17.02 10.03
CA ALA B 445 27.86 -15.74 10.31
C ALA B 445 28.75 -14.48 10.30
N THR B 446 28.16 -13.35 9.89
CA THR B 446 28.85 -12.05 9.71
C THR B 446 27.95 -10.87 10.16
N PRO B 447 28.50 -9.74 10.72
CA PRO B 447 27.61 -8.59 11.02
C PRO B 447 27.36 -7.73 9.78
N PRO B 448 26.41 -6.78 9.85
CA PRO B 448 26.09 -5.96 8.67
C PRO B 448 27.12 -4.83 8.52
N SER B 454 33.86 -5.86 9.09
CA SER B 454 34.46 -6.47 7.90
C SER B 454 34.57 -8.01 8.03
N PRO B 455 34.61 -8.73 6.88
CA PRO B 455 35.00 -10.16 6.92
C PRO B 455 36.49 -10.33 7.23
N ASP B 456 37.28 -9.32 6.87
CA ASP B 456 38.73 -9.25 7.14
C ASP B 456 39.04 -8.94 8.62
N SER B 457 38.02 -8.52 9.38
CA SER B 457 38.19 -7.87 10.67
C SER B 457 38.84 -8.77 11.75
N PRO B 458 39.70 -8.19 12.64
CA PRO B 458 40.28 -8.99 13.73
C PRO B 458 39.27 -9.60 14.72
N GLU B 459 38.13 -8.93 14.90
CA GLU B 459 37.05 -9.39 15.77
C GLU B 459 36.41 -10.59 15.15
N MET B 460 36.14 -10.49 13.86
CA MET B 460 35.57 -11.63 13.12
C MET B 460 36.51 -12.84 13.11
N LYS B 461 37.80 -12.55 12.94
CA LYS B 461 38.85 -13.56 13.00
C LYS B 461 38.83 -14.28 14.35
N ASP B 462 38.75 -13.46 15.41
CA ASP B 462 38.63 -13.96 16.78
C ASP B 462 37.38 -14.80 16.94
N PHE B 463 36.29 -14.31 16.38
CA PHE B 463 35.01 -14.98 16.45
C PHE B 463 35.07 -16.32 15.73
N ARG B 464 35.63 -16.32 14.53
CA ARG B 464 35.78 -17.54 13.77
C ARG B 464 36.73 -18.51 14.47
N HIS B 465 37.81 -18.00 15.04
CA HIS B 465 38.79 -18.85 15.70
C HIS B 465 38.15 -19.58 16.89
N GLY B 466 37.38 -18.86 17.68
CA GLY B 466 36.68 -19.48 18.80
C GLY B 466 35.92 -20.75 18.42
N PHE B 467 35.26 -20.71 17.25
CA PHE B 467 34.52 -21.86 16.73
C PHE B 467 35.40 -22.96 16.21
N ASP B 468 36.52 -22.58 15.58
CA ASP B 468 37.55 -23.51 15.08
C ASP B 468 37.94 -24.40 16.22
N ILE B 469 38.11 -23.79 17.39
CA ILE B 469 38.57 -24.47 18.59
C ILE B 469 37.55 -25.49 19.00
N LEU B 470 36.31 -24.98 19.08
CA LEU B 470 35.12 -25.75 19.47
C LEU B 470 34.76 -26.94 18.58
N VAL B 471 34.87 -26.74 17.28
CA VAL B 471 34.68 -27.80 16.29
C VAL B 471 35.74 -28.84 16.57
N GLY B 472 36.97 -28.40 16.72
CA GLY B 472 38.08 -29.30 16.95
C GLY B 472 37.99 -30.05 18.24
N GLN B 473 37.35 -29.45 19.22
CA GLN B 473 37.01 -30.19 20.44
C GLN B 473 35.82 -31.12 20.30
N ILE B 474 34.84 -30.77 19.48
CA ILE B 474 33.70 -31.67 19.21
C ILE B 474 34.19 -32.88 18.46
N ASP B 475 35.10 -32.68 17.52
CA ASP B 475 35.71 -33.82 16.79
C ASP B 475 36.39 -34.86 17.71
N ASP B 476 37.14 -34.31 18.65
CA ASP B 476 37.77 -35.12 19.68
C ASP B 476 36.78 -35.90 20.49
N ALA B 477 35.72 -35.23 20.87
CA ALA B 477 34.71 -35.82 21.69
C ALA B 477 33.98 -36.88 20.94
N LEU B 478 33.74 -36.62 19.67
CA LEU B 478 33.15 -37.61 18.79
C LEU B 478 34.01 -38.85 18.63
N LYS B 479 35.33 -38.66 18.48
CA LYS B 479 36.20 -39.85 18.39
C LYS B 479 36.08 -40.73 19.61
N LEU B 480 35.92 -40.15 20.79
CA LEU B 480 35.65 -40.94 22.00
C LEU B 480 34.36 -41.66 21.88
N ALA B 481 33.35 -40.96 21.40
CA ALA B 481 32.00 -41.53 21.29
C ALA B 481 32.01 -42.72 20.33
N ASN B 482 32.72 -42.59 19.21
CA ASN B 482 32.81 -43.66 18.22
C ASN B 482 33.45 -44.88 18.84
N GLU B 483 34.51 -44.62 19.61
CA GLU B 483 35.25 -45.68 20.26
C GLU B 483 34.44 -46.35 21.34
N GLY B 484 33.47 -45.64 21.89
CA GLY B 484 32.54 -46.23 22.87
C GLY B 484 32.68 -45.66 24.27
N LYS B 485 33.59 -44.70 24.38
CA LYS B 485 33.96 -44.17 25.66
C LYS B 485 32.99 -43.05 26.00
N VAL B 486 31.86 -43.45 26.58
CA VAL B 486 30.78 -42.51 26.87
C VAL B 486 31.13 -41.50 27.96
N LYS B 487 31.71 -41.98 29.08
CA LYS B 487 32.13 -41.09 30.17
C LYS B 487 33.20 -40.12 29.73
N GLU B 488 34.17 -40.63 28.97
CA GLU B 488 35.23 -39.79 28.40
C GLU B 488 34.64 -38.72 27.50
N ALA B 489 33.75 -39.17 26.59
CA ALA B 489 33.07 -38.27 25.67
C ALA B 489 32.29 -37.17 26.41
N GLN B 490 31.55 -37.61 27.42
CA GLN B 490 30.79 -36.71 28.22
C GLN B 490 31.65 -35.74 29.00
N ALA B 491 32.79 -36.25 29.43
CA ALA B 491 33.77 -35.43 30.12
C ALA B 491 34.32 -34.35 29.18
N ALA B 492 34.69 -34.78 27.97
CA ALA B 492 35.13 -33.89 26.90
C ALA B 492 34.10 -32.83 26.59
N ALA B 493 32.82 -33.23 26.59
CA ALA B 493 31.73 -32.32 26.33
C ALA B 493 31.61 -31.19 27.39
N GLU B 494 31.95 -31.47 28.65
CA GLU B 494 31.88 -30.43 29.67
C GLU B 494 32.88 -29.30 29.35
N GLN B 495 34.01 -29.64 28.71
CA GLN B 495 34.98 -28.60 28.28
C GLN B 495 34.47 -27.67 27.21
N LEU B 496 33.53 -28.14 26.41
CA LEU B 496 32.96 -27.35 25.36
C LEU B 496 32.25 -26.21 26.02
N LYS B 497 31.64 -26.49 27.17
CA LYS B 497 31.06 -25.39 27.97
C LYS B 497 32.08 -24.33 28.29
N THR B 498 33.30 -24.74 28.65
CA THR B 498 34.30 -23.76 29.11
C THR B 498 34.88 -23.03 27.92
N THR B 499 35.16 -23.76 26.86
CA THR B 499 35.57 -23.18 25.58
C THR B 499 34.56 -22.13 25.06
N ARG B 500 33.29 -22.51 25.14
CA ARG B 500 32.21 -21.71 24.63
C ARG B 500 32.20 -20.39 25.40
N ASN B 501 32.32 -20.47 26.70
CA ASN B 501 32.23 -19.27 27.53
C ASN B 501 33.42 -18.38 27.28
N ALA B 502 34.60 -18.98 27.29
CA ALA B 502 35.83 -18.24 27.16
C ALA B 502 36.08 -17.65 25.75
N TYR B 503 35.58 -18.28 24.69
CA TYR B 503 35.81 -17.72 23.34
C TYR B 503 34.51 -17.16 22.72
N ILE B 504 33.41 -17.93 22.67
CA ILE B 504 32.27 -17.54 21.86
C ILE B 504 31.38 -16.51 22.59
N GLN B 505 30.90 -16.82 23.78
CA GLN B 505 29.84 -16.05 24.50
C GLN B 505 29.92 -14.50 24.33
N LYS B 506 31.09 -13.97 24.63
CA LYS B 506 31.47 -12.57 24.49
C LYS B 506 30.92 -11.96 23.23
N TYR B 507 31.04 -12.70 22.15
CA TYR B 507 30.63 -12.27 20.83
C TYR B 507 29.13 -12.35 20.64
N LEU B 508 28.47 -13.34 21.24
CA LEU B 508 27.03 -13.47 21.03
C LEU B 508 26.27 -12.30 21.70
N GLU B 509 26.79 -11.88 22.85
CA GLU B 509 26.27 -10.73 23.55
C GLU B 509 26.39 -9.43 22.75
N ARG B 510 27.53 -9.25 22.12
CA ARG B 510 27.74 -8.11 21.19
C ARG B 510 26.75 -8.09 20.03
N ALA B 511 26.48 -9.25 19.44
CA ALA B 511 25.57 -9.36 18.33
C ALA B 511 24.15 -8.94 18.75
N ARG B 512 23.78 -9.32 19.96
CA ARG B 512 22.49 -8.97 20.52
C ARG B 512 22.38 -7.47 20.77
N SER B 513 23.46 -6.88 21.27
CA SER B 513 23.45 -5.45 21.61
C SER B 513 23.44 -4.52 20.39
N THR B 514 24.12 -4.92 19.30
CA THR B 514 24.17 -4.12 18.06
C THR B 514 22.81 -4.05 17.38
N LEU B 515 22.07 -5.15 17.37
CA LEU B 515 20.69 -5.10 16.88
C LEU B 515 19.70 -4.39 17.81
N SER B 516 19.99 -4.33 19.10
CA SER B 516 19.17 -3.58 20.04
C SER B 516 19.33 -2.08 19.80
N LYS B 517 20.47 -1.71 19.25
CA LYS B 517 20.76 -0.32 18.83
C LYS B 517 19.78 0.26 17.78
N ILE B 518 19.10 -0.60 17.03
CA ILE B 518 18.05 -0.16 16.11
C ILE B 518 16.94 0.48 16.94
N ASN B 519 16.61 1.75 16.68
CA ASN B 519 15.59 2.48 17.49
C ASN B 519 14.24 2.45 16.81
N GLU B 520 13.19 2.72 17.57
CA GLU B 520 11.90 2.90 16.93
C GLU B 520 11.95 4.08 15.96
N THR B 521 12.66 5.18 16.30
CA THR B 521 12.76 6.35 15.36
C THR B 521 13.41 6.01 14.02
N MET B 522 14.28 5.02 14.04
CA MET B 522 14.85 4.46 12.84
C MET B 522 13.76 3.81 11.97
N LEU B 523 12.99 2.92 12.56
CA LEU B 523 12.04 2.13 11.80
C LEU B 523 10.87 2.97 11.33
N ARG B 524 10.47 3.87 12.22
CA ARG B 524 9.43 4.86 11.96
C ARG B 524 9.78 5.67 10.67
N LEU B 525 11.03 6.12 10.58
CA LEU B 525 11.54 6.72 9.33
C LEU B 525 11.36 5.87 8.05
N GLY B 526 11.63 4.57 8.14
CA GLY B 526 11.39 3.67 7.01
C GLY B 526 9.90 3.51 6.69
N ILE B 527 9.09 3.43 7.75
CA ILE B 527 7.62 3.40 7.57
C ILE B 527 7.14 4.65 6.83
N PHE B 528 7.65 5.80 7.26
CA PHE B 528 7.30 7.05 6.57
C PHE B 528 7.82 7.04 5.13
N GLY B 529 9.03 6.55 4.93
CA GLY B 529 9.59 6.45 3.58
C GLY B 529 8.74 5.63 2.66
N PHE B 530 8.31 4.46 3.12
CA PHE B 530 7.42 3.65 2.27
C PHE B 530 6.06 4.33 2.10
N LEU B 531 5.57 4.94 3.18
CA LEU B 531 4.26 5.65 3.07
C LEU B 531 4.29 6.78 1.99
N ALA B 532 5.37 7.55 2.01
CA ALA B 532 5.64 8.57 0.98
C ALA B 532 5.89 7.95 -0.42
N PHE B 533 6.66 6.86 -0.48
CA PHE B 533 6.88 6.15 -1.75
C PHE B 533 5.57 5.72 -2.46
N GLY B 534 4.63 5.24 -1.66
CA GLY B 534 3.33 4.83 -2.21
C GLY B 534 2.59 5.95 -2.92
N PHE B 535 2.50 7.08 -2.24
CA PHE B 535 1.90 8.28 -2.82
C PHE B 535 2.60 8.77 -4.12
N VAL B 536 3.92 8.71 -4.10
CA VAL B 536 4.75 9.06 -5.25
C VAL B 536 4.39 8.11 -6.40
N LEU B 537 4.30 6.82 -6.09
CA LEU B 537 3.91 5.85 -7.12
C LEU B 537 2.50 6.12 -7.67
N ILE B 538 1.56 6.58 -6.82
CA ILE B 538 0.19 6.99 -7.29
C ILE B 538 0.25 8.24 -8.20
N THR B 539 0.89 9.32 -7.70
CA THR B 539 1.13 10.58 -8.48
C THR B 539 1.72 10.24 -9.83
N PHE B 540 2.84 9.49 -9.84
CA PHE B 540 3.48 9.09 -11.09
C PHE B 540 2.47 8.52 -12.10
N SER B 541 1.71 7.54 -11.65
CA SER B 541 0.74 6.87 -12.51
C SER B 541 -0.35 7.81 -13.03
N CYS B 542 -0.77 8.77 -12.21
CA CYS B 542 -1.76 9.80 -12.67
C CYS B 542 -1.22 10.70 -13.80
N HIS B 543 -0.01 11.23 -13.59
CA HIS B 543 0.70 11.99 -14.62
C HIS B 543 0.99 11.18 -15.88
N PHE B 544 1.33 9.91 -15.66
CA PHE B 544 1.57 8.96 -16.74
C PHE B 544 0.29 8.71 -17.53
N TYR B 545 -0.82 8.49 -16.83
CA TYR B 545 -2.13 8.32 -17.46
C TYR B 545 -2.49 9.56 -18.23
N ASP B 546 -2.33 10.74 -17.62
CA ASP B 546 -2.64 12.03 -18.31
C ASP B 546 -1.74 12.27 -19.52
N PHE B 547 -0.48 11.85 -19.44
CA PHE B 547 0.44 11.93 -20.58
C PHE B 547 0.07 10.97 -21.71
N PHE B 548 -0.19 9.72 -21.36
CA PHE B 548 -0.62 8.69 -22.34
C PHE B 548 -1.94 9.00 -23.06
N ASN B 549 -2.83 9.82 -22.48
CA ASN B 549 -4.14 10.11 -23.10
C ASN B 549 -4.42 11.51 -23.66
N GLN B 550 -3.48 12.44 -23.46
CA GLN B 550 -3.69 13.83 -23.90
C GLN B 550 -3.81 13.94 -25.42
N ALA B 551 -3.09 13.09 -26.14
CA ALA B 551 -3.18 13.03 -27.60
C ALA B 551 -4.61 12.90 -28.11
N GLU B 552 -5.42 12.01 -27.51
CA GLU B 552 -6.85 11.87 -27.88
C GLU B 552 -7.79 12.96 -27.34
N TRP B 553 -7.50 13.47 -26.16
CA TRP B 553 -8.32 14.55 -25.57
C TRP B 553 -8.25 15.84 -26.38
N GLU B 554 -7.09 16.13 -26.98
CA GLU B 554 -6.89 17.26 -27.90
C GLU B 554 -7.60 17.05 -29.24
N ARG B 555 -7.51 15.83 -29.80
CA ARG B 555 -8.23 15.44 -31.04
C ARG B 555 -9.73 15.47 -30.88
N SER B 556 -10.21 15.04 -29.74
CA SER B 556 -11.64 15.09 -29.41
C SER B 556 -12.18 16.51 -29.26
N PHE B 557 -11.29 17.45 -28.92
CA PHE B 557 -11.63 18.86 -28.83
C PHE B 557 -11.67 19.47 -30.20
N ARG B 558 -10.67 19.21 -31.06
CA ARG B 558 -10.70 19.78 -32.42
C ARG B 558 -11.92 19.32 -33.18
N ASP B 559 -12.22 18.02 -33.10
CA ASP B 559 -13.45 17.46 -33.72
C ASP B 559 -14.74 18.09 -33.19
N TYR B 560 -14.75 18.48 -31.93
CA TYR B 560 -15.85 19.23 -31.35
C TYR B 560 -15.89 20.67 -31.86
N VAL B 561 -14.74 21.35 -31.91
CA VAL B 561 -14.64 22.72 -32.46
C VAL B 561 -15.12 22.75 -33.91
N LEU B 562 -14.59 21.85 -34.73
CA LEU B 562 -14.93 21.75 -36.15
C LEU B 562 -16.37 21.37 -36.34
N CYS B 563 -16.90 20.55 -35.46
CA CYS B 563 -18.30 20.18 -35.52
C CYS B 563 -19.23 21.41 -35.41
N GLN B 564 -18.90 22.37 -34.55
CA GLN B 564 -19.71 23.58 -34.39
C GLN B 564 -19.52 24.45 -35.64
N CYS B 580 -23.12 19.60 -30.56
CA CYS B 580 -22.10 18.59 -30.73
C CYS B 580 -21.62 18.08 -29.37
N GLU B 581 -20.78 17.05 -29.40
CA GLU B 581 -20.24 16.42 -28.18
C GLU B 581 -18.71 16.26 -28.26
N ILE B 582 -18.11 15.91 -27.13
CA ILE B 582 -16.67 15.66 -27.00
C ILE B 582 -16.51 14.17 -26.68
N LYS B 583 -15.88 13.38 -27.58
CA LYS B 583 -15.63 11.94 -27.37
C LYS B 583 -15.03 11.58 -25.99
N ASN B 584 -13.91 12.23 -25.65
CA ASN B 584 -13.21 11.96 -24.40
C ASN B 584 -12.55 13.20 -23.83
N ARG B 585 -12.33 13.15 -22.52
CA ARG B 585 -11.73 14.24 -21.75
C ARG B 585 -10.91 13.70 -20.56
N PRO B 586 -10.14 14.56 -19.89
CA PRO B 586 -9.40 14.06 -18.76
C PRO B 586 -10.33 13.58 -17.61
N SER B 587 -9.90 12.55 -16.89
CA SER B 587 -10.72 11.97 -15.83
C SER B 587 -10.58 12.76 -14.55
N LEU B 588 -11.70 13.22 -13.98
CA LEU B 588 -11.65 13.98 -12.73
C LEU B 588 -11.38 13.12 -11.51
N LEU B 589 -11.70 11.84 -11.62
CA LEU B 589 -11.37 10.86 -10.59
C LEU B 589 -9.88 10.74 -10.53
N VAL B 590 -9.23 10.65 -11.70
CA VAL B 590 -7.76 10.59 -11.74
C VAL B 590 -7.19 11.87 -11.13
N GLU B 591 -7.74 13.03 -11.52
CA GLU B 591 -7.30 14.32 -10.92
C GLU B 591 -7.47 14.33 -9.38
N LYS B 592 -8.60 13.84 -8.90
CA LYS B 592 -8.86 13.74 -7.46
C LYS B 592 -7.92 12.75 -6.75
N ILE B 593 -7.61 11.64 -7.42
CA ILE B 593 -6.60 10.68 -6.94
C ILE B 593 -5.21 11.31 -6.86
N ASN B 594 -4.79 11.99 -7.92
CA ASN B 594 -3.54 12.70 -7.89
C ASN B 594 -3.49 13.73 -6.75
N LEU B 595 -4.59 14.47 -6.59
CA LEU B 595 -4.67 15.44 -5.47
C LEU B 595 -4.63 14.79 -4.08
N PHE B 596 -5.33 13.67 -3.95
CA PHE B 596 -5.31 12.91 -2.68
C PHE B 596 -3.93 12.40 -2.40
N ALA B 597 -3.23 11.91 -3.44
CA ALA B 597 -1.82 11.46 -3.27
C ALA B 597 -0.88 12.60 -2.91
N MET B 598 -0.90 13.71 -3.68
CA MET B 598 -0.03 14.87 -3.35
C MET B 598 -0.28 15.40 -1.93
N PHE B 599 -1.53 15.74 -1.60
CA PHE B 599 -1.86 16.30 -0.27
C PHE B 599 -1.82 15.28 0.85
N GLY B 600 -2.00 14.00 0.49
CA GLY B 600 -1.97 12.91 1.45
C GLY B 600 -0.61 12.68 2.01
N THR B 601 0.41 12.83 1.16
CA THR B 601 1.81 12.79 1.58
C THR B 601 2.04 13.88 2.61
N GLY B 602 1.64 15.10 2.29
CA GLY B 602 1.77 16.21 3.23
C GLY B 602 1.13 15.94 4.59
N ILE B 603 -0.04 15.32 4.57
CA ILE B 603 -0.73 14.98 5.81
C ILE B 603 0.01 13.87 6.55
N ALA B 604 0.37 12.80 5.82
CA ALA B 604 1.08 11.69 6.46
C ALA B 604 2.41 12.15 7.06
N MET B 605 3.20 12.90 6.30
CA MET B 605 4.47 13.41 6.79
C MET B 605 4.33 14.34 8.01
N SER B 606 3.19 15.04 8.12
CA SER B 606 2.91 15.88 9.29
C SER B 606 2.63 15.08 10.59
N THR B 607 2.22 13.81 10.47
CA THR B 607 2.03 12.93 11.64
C THR B 607 3.37 12.43 12.28
N TRP B 608 4.51 12.89 11.78
CA TRP B 608 5.79 12.60 12.41
C TRP B 608 5.88 13.14 13.83
N VAL B 609 5.20 14.25 14.04
CA VAL B 609 5.17 14.92 15.30
C VAL B 609 3.94 14.55 16.15
N TRP B 610 3.13 13.57 15.72
CA TRP B 610 1.93 13.18 16.50
C TRP B 610 2.29 12.20 17.65
N THR B 611 3.12 12.69 18.57
CA THR B 611 3.79 11.88 19.61
C THR B 611 3.55 12.48 20.98
N LYS B 612 3.81 11.66 22.02
CA LYS B 612 3.77 12.09 23.43
C LYS B 612 4.64 13.36 23.69
N ALA B 613 5.86 13.29 23.15
CA ALA B 613 6.93 14.27 23.32
C ALA B 613 6.55 15.69 22.93
N THR B 614 5.78 15.82 21.85
CA THR B 614 5.36 17.11 21.29
C THR B 614 4.14 17.71 22.02
N LEU B 615 3.30 16.83 22.59
CA LEU B 615 2.20 17.25 23.50
C LEU B 615 2.77 17.93 24.75
N LEU B 616 3.98 17.53 25.12
CA LEU B 616 4.70 18.12 26.26
C LEU B 616 5.28 19.48 25.89
N ILE B 617 5.76 19.61 24.67
CA ILE B 617 6.38 20.85 24.20
C ILE B 617 5.42 22.01 24.20
N TRP B 618 4.19 21.75 23.77
CA TRP B 618 3.21 22.82 23.75
C TRP B 618 2.90 23.29 25.16
N ARG B 619 2.76 22.34 26.07
CA ARG B 619 2.46 22.67 27.46
C ARG B 619 3.60 23.49 28.07
N ARG B 620 4.84 23.09 27.76
CA ARG B 620 6.02 23.83 28.23
C ARG B 620 5.98 25.25 27.68
N THR B 621 5.68 25.34 26.38
CA THR B 621 5.58 26.64 25.72
C THR B 621 4.41 27.47 26.27
N TRP B 622 3.33 26.78 26.61
CA TRP B 622 2.13 27.42 27.13
C TRP B 622 2.42 28.19 28.43
N CYS B 623 3.21 27.57 29.31
CA CYS B 623 3.59 28.23 30.56
C CYS B 623 4.42 29.47 30.26
N ARG B 624 5.34 29.35 29.31
CA ARG B 624 6.22 30.46 28.95
C ARG B 624 5.47 31.73 28.61
C10 V0S C . 0.33 -11.61 19.34
C14 V0S C . 0.19 -11.99 21.81
C13 V0S C . -0.16 -11.05 20.66
C12 V0S C . -0.95 -11.36 17.23
C15 V0S C . 2.76 -12.65 24.03
C17 V0S C . 4.37 -14.52 24.65
C19 V0S C . 4.68 -15.42 25.74
C20 V0S C . 4.00 -15.03 26.90
C21 V0S C . 4.18 -15.76 28.07
C24 V0S C . 5.68 -17.24 26.93
C03 V0S C . 0.21 -14.36 24.92
C04 V0S C . 1.16 -15.07 24.21
C05 V0S C . 1.68 -14.55 22.89
C07 V0S C . 1.69 -12.25 21.85
C08 V0S C . 2.20 -12.79 20.52
C09 V0S C . 1.83 -11.84 19.38
C16 V0S C . 3.43 -13.59 24.97
C23 V0S C . 5.00 -16.86 28.09
C25 V0S C . 5.50 -16.52 25.77
C29 V0S C . 1.66 -16.26 24.73
C30 V0S C . 1.21 -16.75 25.97
C31 V0S C . 1.72 -17.98 26.50
C32 V0S C . 2.71 -18.70 25.85
C33 V0S C . 3.19 -19.88 26.41
C35 V0S C . 1.79 -19.67 28.20
C36 V0S C . 1.28 -18.48 27.72
C37 V0S C . 0.25 -16.01 26.66
C38 V0S C . -0.24 -14.82 26.14
N06 V0S C . 2.10 -13.12 23.00
N11 V0S C . -0.05 -10.74 18.20
N34 V0S C . 2.74 -20.37 27.57
O28 V0S C . 2.84 -11.46 24.27
S27 V0S C . 3.00 -13.64 26.66
CL18 V0S C . 5.16 -14.68 23.12
C1 CLR D . 21.90 -30.95 42.64
C2 CLR D . 23.08 -31.88 42.94
C3 CLR D . 22.89 -33.32 42.45
C4 CLR D . 22.55 -33.34 40.97
C5 CLR D . 21.35 -32.44 40.73
C6 CLR D . 20.28 -32.95 40.10
C7 CLR D . 19.05 -32.13 39.72
C8 CLR D . 19.33 -30.64 39.78
C9 CLR D . 19.99 -30.35 41.12
C10 CLR D . 21.42 -30.99 41.20
C11 CLR D . 19.96 -28.87 41.47
C12 CLR D . 18.58 -28.26 41.27
C13 CLR D . 18.12 -28.40 39.83
C14 CLR D . 18.01 -29.88 39.60
C15 CLR D . 17.33 -29.96 38.25
C16 CLR D . 16.33 -28.81 38.22
C17 CLR D . 16.67 -27.99 39.48
C18 CLR D . 19.12 -27.70 38.89
C19 CLR D . 22.45 -30.26 40.31
C20 CLR D . 16.33 -26.50 39.29
C21 CLR D . 16.90 -25.58 40.37
C22 CLR D . 14.81 -26.32 39.24
C23 CLR D . 14.46 -25.51 38.00
C24 CLR D . 12.97 -25.45 37.68
C25 CLR D . 12.36 -24.11 38.07
C26 CLR D . 11.23 -23.67 37.11
C27 CLR D . 11.99 -24.12 39.55
O1 CLR D . 24.06 -34.15 42.70
C1 NAG E . 4.92 -23.30 60.54
C2 NAG E . 3.60 -22.71 60.02
C3 NAG E . 3.08 -21.73 61.07
C4 NAG E . 3.08 -22.33 62.50
C5 NAG E . 4.40 -23.07 62.83
C6 NAG E . 4.34 -23.84 64.16
C7 NAG E . 3.12 -22.25 57.61
C8 NAG E . 3.49 -21.44 56.39
N2 NAG E . 3.82 -22.04 58.74
O3 NAG E . 1.76 -21.29 60.70
O4 NAG E . 2.81 -21.28 63.44
O5 NAG E . 4.76 -23.99 61.78
O6 NAG E . 5.59 -24.51 64.41
O7 NAG E . 2.20 -23.04 57.57
NA NA F . 27.91 -41.43 49.24
NA NA G . -16.03 -19.42 30.92
C2 MPG H . -13.13 -30.98 24.32
C3 MPG H . -14.57 -30.49 24.48
C4 MPG H . -15.19 -30.82 25.84
C5 MPG H . -16.50 -30.10 26.21
C6 MPG H . -16.49 -28.61 25.92
C7 MPG H . -17.14 -28.16 24.60
C8 MPG H . -17.10 -29.11 23.38
C9 MPG H . -18.16 -28.65 22.39
C10 MPG H . -18.83 -29.54 21.67
C11 MPG H . -19.89 -29.06 20.68
C12 MPG H . -19.25 -28.77 19.32
C13 MPG H . -20.16 -28.01 18.33
C14 MPG H . -21.58 -28.56 18.26
C15 MPG H . -22.32 -28.23 16.96
C16 MPG H . -22.39 -26.73 16.61
C17 MPG H . -22.80 -25.77 17.75
C18 MPG H . -24.26 -25.84 18.12
O1 MPG H . -11.55 -31.16 22.44
C1 MPG H . -12.48 -30.31 23.11
CXD MPG H . -11.27 -31.54 19.88
O2 MPG H . -9.99 -31.61 19.24
C21 MPG H . -12.38 -30.94 18.96
O3 MPG H . -12.31 -31.34 17.57
CX3 MPG H . -11.08 -30.73 21.13
C10 V0S I . -3.77 17.38 -16.19
C14 V0S I . -4.95 19.44 -16.98
C13 V0S I . -4.64 18.56 -15.77
C12 V0S I . -1.97 16.53 -14.76
C15 V0S I . -7.17 19.86 -19.56
C17 V0S I . -7.42 19.52 -22.07
C19 V0S I . -7.69 20.24 -23.29
C20 V0S I . -8.04 21.57 -23.01
C21 V0S I . -8.33 22.44 -24.05
C24 V0S I . -7.90 20.69 -25.64
C03 V0S I . -4.73 22.36 -19.78
C04 V0S I . -4.71 21.27 -20.64
C05 V0S I . -4.73 19.86 -20.09
C07 V0S I . -5.63 18.63 -18.09
C08 V0S I . -4.83 17.39 -18.46
C09 V0S I . -4.50 16.55 -17.23
C16 V0S I . -7.54 20.28 -20.95
C23 V0S I . -8.26 22.00 -25.36
C25 V0S I . -7.61 19.82 -24.60
C29 V0S I . -4.65 21.49 -22.02
C30 V0S I . -4.63 22.79 -22.55
C31 V0S I . -4.60 23.01 -23.96
C32 V0S I . -4.57 21.94 -24.86
C33 V0S I . -4.56 22.20 -26.22
C35 V0S I . -4.64 24.45 -25.88
C36 V0S I . -4.64 24.29 -24.50
C37 V0S I . -4.66 23.87 -21.66
C38 V0S I . -4.71 23.66 -20.29
N06 V0S I . -5.92 19.50 -19.28
N11 V0S I . -3.40 16.57 -15.01
N34 V0S I . -4.60 23.43 -26.73
O28 V0S I . -8.02 19.90 -18.69
S27 V0S I . -8.07 21.90 -21.30
CL18 V0S I . -6.86 17.89 -22.14
C1 CLR J . -16.67 22.39 -50.46
C2 CLR J . -16.90 21.68 -51.81
C3 CLR J . -15.64 21.09 -52.46
C4 CLR J . -14.83 20.23 -51.48
C5 CLR J . -14.58 21.05 -50.20
C6 CLR J . -13.30 21.23 -49.82
C7 CLR J . -12.91 22.02 -48.58
C8 CLR J . -14.09 22.03 -47.60
C9 CLR J . -15.31 22.61 -48.35
C10 CLR J . -15.78 21.62 -49.45
C11 CLR J . -16.43 23.14 -47.42
C12 CLR J . -15.97 23.81 -46.11
C13 CLR J . -14.89 23.02 -45.33
C14 CLR J . -13.75 22.81 -46.33
C15 CLR J . -12.60 22.30 -45.45
C16 CLR J . -12.81 23.03 -44.12
C17 CLR J . -14.16 23.76 -44.19
C18 CLR J . -15.49 21.69 -44.84
C19 CLR J . -16.59 20.47 -48.84
C20 CLR J . -14.81 23.93 -42.79
C21 CLR J . -16.14 24.67 -42.85
C22 CLR J . -13.88 24.64 -41.81
C23 CLR J . -14.32 24.59 -40.34
C24 CLR J . -14.27 25.92 -39.60
C25 CLR J . -13.90 25.81 -38.10
C26 CLR J . -12.39 25.80 -37.87
C27 CLR J . -14.54 26.90 -37.24
O1 CLR J . -15.95 20.30 -53.63
#